data_4X52
#
_entry.id   4X52
#
_cell.length_a   110.930
_cell.length_b   50.000
_cell.length_c   153.630
_cell.angle_alpha   90.00
_cell.angle_beta   93.48
_cell.angle_gamma   90.00
#
_symmetry.space_group_name_H-M   'C 1 2 1'
#
loop_
_entity.id
_entity.type
_entity.pdbx_description
1 polymer 'Zinc finger CCCH-type antiviral protein 1'
2 non-polymer GLYCEROL
3 non-polymer 'SULFATE ION'
4 water water
#
_entity_poly.entity_id   1
_entity_poly.type   'polypeptide(L)'
_entity_poly.pdbx_seq_one_letter_code
;SMKKYKLSEIHHLHPEYVRVSEHFKASMKNFKIEKIKKIENSELLDKFTWKKSQMKEEGKLLFYATSRAYVESICSNNFD
SFLHETNENKYGKGIYFAKDAIYSHKYCPYDAKNVVMFVAQVLVGKFIEGNITYTSPPPQFDSCVDTRSNPSVFVIFQKD
QVYPQYVIEYTED
;
_entity_poly.pdbx_strand_id   A,B,C,D
#
# COMPACT_ATOMS: atom_id res chain seq x y z
N LYS A 3 8.20 7.98 7.49
CA LYS A 3 7.53 9.09 6.79
C LYS A 3 8.01 10.49 7.27
N LYS A 4 8.10 11.38 6.30
CA LYS A 4 8.54 12.78 6.37
C LYS A 4 7.46 13.73 6.93
N TYR A 5 6.21 13.27 6.98
CA TYR A 5 5.05 14.09 7.33
C TYR A 5 3.94 13.31 8.01
N LYS A 6 2.94 14.04 8.49
CA LYS A 6 1.70 13.57 9.12
C LYS A 6 0.57 14.26 8.36
N LEU A 7 -0.52 13.56 8.07
CA LEU A 7 -1.73 14.08 7.45
C LEU A 7 -2.88 13.71 8.40
N SER A 8 -3.46 14.74 9.10
CA SER A 8 -4.42 14.50 10.19
C SER A 8 -5.77 15.07 9.90
N GLU A 9 -6.80 14.22 9.95
CA GLU A 9 -8.17 14.68 9.76
C GLU A 9 -8.60 15.53 10.97
N ILE A 10 -9.16 16.71 10.64
CA ILE A 10 -9.67 17.69 11.59
C ILE A 10 -11.18 17.56 11.70
N HIS A 11 -11.71 17.63 12.94
CA HIS A 11 -13.16 17.61 13.15
C HIS A 11 -13.81 18.86 12.51
N HIS A 12 -15.05 18.72 11.99
CA HIS A 12 -15.74 19.83 11.31
C HIS A 12 -16.09 21.03 12.24
N LEU A 13 -16.08 20.83 13.59
CA LEU A 13 -16.39 21.92 14.52
C LEU A 13 -15.10 22.55 15.05
N HIS A 14 -13.93 22.03 14.64
CA HIS A 14 -12.67 22.64 15.03
C HIS A 14 -12.54 24.04 14.37
N PRO A 15 -12.08 25.10 15.11
CA PRO A 15 -11.93 26.42 14.47
C PRO A 15 -11.08 26.44 13.20
N GLU A 16 -9.99 25.62 13.09
CA GLU A 16 -9.17 25.59 11.85
C GLU A 16 -10.00 25.04 10.68
N TYR A 17 -10.85 24.01 10.95
CA TYR A 17 -11.75 23.48 9.91
C TYR A 17 -12.70 24.59 9.41
N VAL A 18 -13.37 25.26 10.36
CA VAL A 18 -14.30 26.37 10.09
C VAL A 18 -13.62 27.44 9.23
N ARG A 19 -12.40 27.86 9.62
CA ARG A 19 -11.63 28.89 8.88
C ARG A 19 -11.33 28.46 7.44
N VAL A 20 -10.81 27.23 7.27
CA VAL A 20 -10.45 26.72 5.95
C VAL A 20 -11.70 26.56 5.09
N SER A 21 -12.76 25.95 5.66
CA SER A 21 -14.06 25.76 5.02
C SER A 21 -14.62 27.11 4.48
N GLU A 22 -14.58 28.19 5.29
CA GLU A 22 -15.01 29.54 4.87
C GLU A 22 -14.18 30.05 3.68
N HIS A 23 -12.83 29.93 3.72
CA HIS A 23 -11.94 30.36 2.61
C HIS A 23 -12.31 29.63 1.31
N PHE A 24 -12.52 28.31 1.40
CA PHE A 24 -12.89 27.45 0.27
C PHE A 24 -14.28 27.80 -0.28
N LYS A 25 -15.27 27.90 0.60
CA LYS A 25 -16.68 28.15 0.25
C LYS A 25 -16.95 29.56 -0.27
N ALA A 26 -16.02 30.51 -0.10
CA ALA A 26 -16.15 31.89 -0.61
C ALA A 26 -16.30 31.84 -2.15
N SER A 27 -15.68 30.86 -2.83
CA SER A 27 -15.77 30.68 -4.29
C SER A 27 -16.34 29.26 -4.68
N MET A 28 -16.31 28.29 -3.78
CA MET A 28 -16.76 26.92 -4.10
C MET A 28 -18.16 26.67 -3.59
N LYS A 29 -19.12 27.30 -4.25
CA LYS A 29 -20.53 27.29 -3.90
C LYS A 29 -21.25 25.97 -4.19
N ASN A 30 -21.12 25.38 -5.40
CA ASN A 30 -21.80 24.16 -5.83
C ASN A 30 -21.02 22.88 -5.44
N PHE A 31 -20.35 22.94 -4.27
CA PHE A 31 -19.48 21.88 -3.78
C PHE A 31 -19.71 21.63 -2.30
N LYS A 32 -19.54 20.38 -1.87
CA LYS A 32 -19.64 19.95 -0.49
C LYS A 32 -18.28 19.42 -0.02
N ILE A 33 -17.77 19.93 1.12
CA ILE A 33 -16.50 19.49 1.73
C ILE A 33 -16.78 18.16 2.39
N GLU A 34 -15.99 17.15 2.07
CA GLU A 34 -16.12 15.81 2.66
C GLU A 34 -15.18 15.71 3.87
N LYS A 35 -13.93 16.20 3.72
CA LYS A 35 -12.88 16.12 4.73
C LYS A 35 -11.91 17.26 4.60
N ILE A 36 -11.25 17.61 5.71
CA ILE A 36 -10.16 18.57 5.77
C ILE A 36 -9.08 17.92 6.61
N LYS A 37 -7.91 17.82 6.03
CA LYS A 37 -6.74 17.22 6.69
C LYS A 37 -5.63 18.25 6.83
N LYS A 38 -5.00 18.27 8.00
CA LYS A 38 -3.91 19.18 8.30
C LYS A 38 -2.59 18.50 7.95
N ILE A 39 -1.68 19.21 7.27
CA ILE A 39 -0.38 18.64 6.91
C ILE A 39 0.67 19.07 7.96
N GLU A 40 1.48 18.13 8.42
CA GLU A 40 2.58 18.48 9.27
C GLU A 40 3.88 17.89 8.68
N ASN A 41 4.77 18.76 8.22
CA ASN A 41 6.08 18.37 7.71
C ASN A 41 7.08 19.36 8.23
N SER A 42 7.83 18.97 9.30
CA SER A 42 8.78 19.86 10.00
C SER A 42 9.90 20.38 9.06
N GLU A 43 10.41 19.54 8.19
CA GLU A 43 11.45 19.86 7.20
C GLU A 43 10.97 20.99 6.25
N LEU A 44 9.77 20.84 5.68
CA LEU A 44 9.17 21.85 4.80
C LEU A 44 8.83 23.12 5.57
N LEU A 45 8.33 22.99 6.83
CA LEU A 45 8.00 24.14 7.67
C LEU A 45 9.25 24.93 8.03
N ASP A 46 10.37 24.26 8.38
CA ASP A 46 11.61 24.95 8.77
C ASP A 46 12.20 25.74 7.57
N LYS A 47 12.14 25.17 6.37
CA LYS A 47 12.59 25.85 5.14
C LYS A 47 11.73 27.11 4.89
N PHE A 48 10.40 26.99 5.05
CA PHE A 48 9.43 28.05 4.89
C PHE A 48 9.64 29.15 5.92
N THR A 49 9.71 28.81 7.24
CA THR A 49 9.88 29.77 8.33
C THR A 49 11.18 30.52 8.18
N TRP A 50 12.25 29.85 7.70
CA TRP A 50 13.51 30.52 7.40
C TRP A 50 13.34 31.52 6.27
N LYS A 51 12.68 31.13 5.16
CA LYS A 51 12.46 31.99 4.00
C LYS A 51 11.57 33.20 4.41
N LYS A 52 10.55 32.98 5.25
CA LYS A 52 9.62 33.99 5.75
C LYS A 52 10.39 35.04 6.54
N SER A 53 11.40 34.59 7.32
CA SER A 53 12.28 35.40 8.15
C SER A 53 13.17 36.27 7.26
N GLN A 54 13.77 35.67 6.22
CA GLN A 54 14.64 36.37 5.28
C GLN A 54 13.87 37.39 4.46
N MET A 55 12.63 37.05 4.10
CA MET A 55 11.79 37.88 3.24
C MET A 55 11.13 39.01 3.98
N LYS A 56 10.74 38.77 5.25
CA LYS A 56 10.06 39.73 6.13
C LYS A 56 8.67 40.05 5.53
N GLU A 57 8.04 38.99 5.00
CA GLU A 57 6.68 39.03 4.44
C GLU A 57 5.79 38.09 5.19
N GLU A 58 4.49 38.35 5.17
CA GLU A 58 3.54 37.44 5.80
C GLU A 58 3.10 36.43 4.72
N GLY A 59 2.67 35.26 5.15
CA GLY A 59 2.22 34.26 4.17
C GLY A 59 0.83 34.60 3.64
N LYS A 60 0.51 34.12 2.43
CA LYS A 60 -0.83 34.25 1.88
C LYS A 60 -1.40 32.82 1.76
N LEU A 61 -2.65 32.63 2.17
CA LEU A 61 -3.36 31.37 2.04
C LEU A 61 -3.85 31.27 0.60
N LEU A 62 -3.30 30.34 -0.17
CA LEU A 62 -3.63 30.15 -1.60
C LEU A 62 -3.98 28.72 -1.89
N PHE A 63 -4.61 28.48 -3.07
CA PHE A 63 -5.12 27.17 -3.45
C PHE A 63 -4.34 26.51 -4.57
N TYR A 64 -4.31 25.17 -4.52
CA TYR A 64 -3.68 24.30 -5.51
C TYR A 64 -4.50 22.99 -5.65
N ALA A 65 -5.26 22.88 -6.72
CA ALA A 65 -6.06 21.71 -6.99
C ALA A 65 -5.17 20.68 -7.75
N THR A 66 -5.31 19.40 -7.42
CA THR A 66 -4.50 18.38 -8.09
C THR A 66 -5.19 17.03 -7.92
N SER A 67 -4.59 15.98 -8.49
CA SER A 67 -5.05 14.63 -8.34
C SER A 67 -4.74 14.12 -6.93
N ARG A 68 -5.66 13.27 -6.41
CA ARG A 68 -5.47 12.56 -5.14
C ARG A 68 -4.18 11.71 -5.18
N ALA A 69 -3.78 11.25 -6.35
CA ALA A 69 -2.57 10.43 -6.58
C ALA A 69 -1.27 11.20 -6.20
N TYR A 70 -1.34 12.53 -6.16
CA TYR A 70 -0.15 13.33 -5.88
C TYR A 70 -0.10 13.83 -4.46
N VAL A 71 -1.13 13.54 -3.63
CA VAL A 71 -1.20 14.08 -2.24
C VAL A 71 0.08 13.72 -1.44
N GLU A 72 0.51 12.44 -1.46
CA GLU A 72 1.67 12.00 -0.71
C GLU A 72 2.98 12.68 -1.22
N SER A 73 3.19 12.76 -2.55
CA SER A 73 4.40 13.40 -3.09
C SER A 73 4.52 14.89 -2.59
N ILE A 74 3.41 15.63 -2.54
CA ILE A 74 3.36 17.03 -2.10
C ILE A 74 3.57 17.15 -0.60
N CYS A 75 2.89 16.31 0.21
CA CYS A 75 3.05 16.36 1.68
C CYS A 75 4.46 16.04 2.11
N SER A 76 5.21 15.17 1.35
CA SER A 76 6.59 14.91 1.80
C SER A 76 7.63 15.79 1.08
N ASN A 77 7.43 16.16 -0.19
CA ASN A 77 8.48 16.87 -0.94
C ASN A 77 8.13 18.26 -1.44
N ASN A 78 6.95 18.81 -1.05
CA ASN A 78 6.45 20.11 -1.50
C ASN A 78 5.94 20.01 -2.94
N PHE A 79 5.31 21.08 -3.44
CA PHE A 79 4.75 21.13 -4.80
C PHE A 79 5.84 21.03 -5.87
N ASP A 80 5.51 20.43 -7.00
CA ASP A 80 6.46 20.18 -8.07
C ASP A 80 6.15 21.09 -9.25
N SER A 81 7.11 21.98 -9.62
CA SER A 81 6.93 22.89 -10.77
C SER A 81 6.82 22.12 -12.12
N PHE A 82 7.27 20.82 -12.16
CA PHE A 82 7.22 20.02 -13.38
C PHE A 82 5.82 19.48 -13.65
N LEU A 83 4.91 19.65 -12.70
CA LEU A 83 3.50 19.31 -12.85
C LEU A 83 2.77 20.60 -13.30
N HIS A 84 2.27 20.61 -14.52
CA HIS A 84 1.60 21.79 -15.06
C HIS A 84 0.09 21.69 -14.93
N GLU A 85 -0.62 22.83 -15.08
CA GLU A 85 -2.08 22.80 -15.09
C GLU A 85 -2.47 23.31 -16.46
N THR A 86 -3.77 23.54 -16.73
CA THR A 86 -4.21 23.90 -18.09
C THR A 86 -3.80 25.37 -18.51
N ASN A 87 -3.11 26.15 -17.65
CA ASN A 87 -2.61 27.48 -18.07
C ASN A 87 -1.29 27.31 -18.86
N GLU A 88 -0.66 26.10 -18.74
CA GLU A 88 0.55 25.70 -19.49
C GLU A 88 1.69 26.71 -19.42
N ASN A 89 2.04 27.14 -18.17
CA ASN A 89 3.12 28.06 -17.82
C ASN A 89 3.04 29.43 -18.55
N LYS A 90 1.81 29.91 -18.84
CA LYS A 90 1.50 31.19 -19.50
C LYS A 90 2.07 32.41 -18.73
N TYR A 91 2.19 32.31 -17.40
CA TYR A 91 2.68 33.44 -16.60
C TYR A 91 4.03 33.18 -15.95
N GLY A 92 4.78 32.23 -16.49
CA GLY A 92 6.11 31.89 -15.96
C GLY A 92 6.25 30.40 -15.69
N LYS A 93 7.48 29.90 -15.75
CA LYS A 93 7.73 28.47 -15.46
C LYS A 93 7.99 28.26 -13.95
N GLY A 94 6.91 28.09 -13.21
CA GLY A 94 6.89 27.90 -11.76
C GLY A 94 5.63 27.20 -11.32
N ILE A 95 5.35 27.22 -10.01
CA ILE A 95 4.18 26.57 -9.39
C ILE A 95 3.06 27.58 -9.34
N TYR A 96 1.85 27.15 -9.73
CA TYR A 96 0.67 28.04 -9.83
C TYR A 96 -0.25 27.90 -8.63
N PHE A 97 -0.44 29.03 -7.89
CA PHE A 97 -1.31 29.06 -6.72
C PHE A 97 -2.43 30.10 -6.96
N ALA A 98 -3.69 29.69 -6.81
CA ALA A 98 -4.83 30.57 -7.06
C ALA A 98 -5.28 31.29 -5.81
N LYS A 99 -5.75 32.51 -5.98
CA LYS A 99 -6.38 33.29 -4.90
C LYS A 99 -7.69 32.64 -4.48
N ASP A 100 -8.52 32.19 -5.46
CA ASP A 100 -9.84 31.55 -5.24
C ASP A 100 -9.77 30.08 -5.59
N ALA A 101 -10.29 29.25 -4.70
CA ALA A 101 -10.33 27.80 -4.88
C ALA A 101 -10.99 27.42 -6.23
N ILE A 102 -12.08 28.12 -6.65
CA ILE A 102 -12.78 27.86 -7.92
C ILE A 102 -11.84 27.98 -9.15
N TYR A 103 -10.87 28.92 -9.11
CA TYR A 103 -9.92 29.11 -10.19
C TYR A 103 -9.00 27.87 -10.32
N SER A 104 -8.35 27.44 -9.21
CA SER A 104 -7.49 26.24 -9.21
C SER A 104 -8.29 25.01 -9.65
N HIS A 105 -9.54 24.89 -9.16
CA HIS A 105 -10.45 23.78 -9.56
C HIS A 105 -10.74 23.80 -11.06
N LYS A 106 -11.11 24.96 -11.64
CA LYS A 106 -11.48 24.98 -13.06
C LYS A 106 -10.27 24.74 -14.00
N TYR A 107 -9.05 25.15 -13.60
CA TYR A 107 -7.83 24.99 -14.39
C TYR A 107 -7.11 23.64 -14.14
N CYS A 108 -7.68 22.80 -13.24
CA CYS A 108 -7.14 21.48 -12.92
C CYS A 108 -7.56 20.52 -14.02
N PRO A 109 -6.61 19.81 -14.65
CA PRO A 109 -6.98 18.93 -15.77
C PRO A 109 -7.57 17.57 -15.44
N TYR A 110 -7.59 17.19 -14.14
CA TYR A 110 -8.03 15.85 -13.74
CA TYR A 110 -8.03 15.85 -13.74
C TYR A 110 -9.53 15.74 -13.57
N ASP A 111 -10.06 14.47 -13.65
CA ASP A 111 -11.46 14.15 -13.47
C ASP A 111 -11.88 14.57 -12.07
N ALA A 112 -13.03 15.24 -11.95
CA ALA A 112 -13.59 15.78 -10.71
C ALA A 112 -13.55 14.81 -9.55
N LYS A 113 -13.82 13.51 -9.79
CA LYS A 113 -13.81 12.49 -8.77
C LYS A 113 -12.41 12.30 -8.11
N ASN A 114 -11.34 12.66 -8.82
CA ASN A 114 -9.95 12.50 -8.36
C ASN A 114 -9.30 13.78 -7.89
N VAL A 115 -10.01 14.92 -7.97
CA VAL A 115 -9.44 16.21 -7.62
C VAL A 115 -9.60 16.48 -6.14
N VAL A 116 -8.49 16.88 -5.52
CA VAL A 116 -8.41 17.33 -4.12
C VAL A 116 -7.87 18.78 -4.16
N MET A 117 -8.12 19.55 -3.10
CA MET A 117 -7.70 20.91 -3.02
C MET A 117 -6.67 21.10 -1.92
N PHE A 118 -5.45 21.51 -2.28
CA PHE A 118 -4.45 21.91 -1.27
C PHE A 118 -4.67 23.34 -0.89
N VAL A 119 -4.39 23.64 0.36
CA VAL A 119 -4.32 25.01 0.90
C VAL A 119 -2.86 25.17 1.23
N ALA A 120 -2.22 26.16 0.65
CA ALA A 120 -0.80 26.40 0.89
C ALA A 120 -0.56 27.78 1.47
N GLN A 121 0.47 27.90 2.34
CA GLN A 121 0.94 29.22 2.80
C GLN A 121 2.00 29.63 1.79
N VAL A 122 1.84 30.79 1.18
CA VAL A 122 2.71 31.19 0.07
C VAL A 122 3.31 32.58 0.32
N LEU A 123 4.64 32.67 0.24
CA LEU A 123 5.35 33.93 0.39
C LEU A 123 5.41 34.59 -0.99
N VAL A 124 4.38 35.36 -1.32
CA VAL A 124 4.29 36.03 -2.63
C VAL A 124 5.23 37.25 -2.72
N GLY A 125 5.44 37.96 -1.62
CA GLY A 125 6.25 39.18 -1.56
C GLY A 125 5.83 40.19 -2.60
N LYS A 126 6.82 40.76 -3.32
CA LYS A 126 6.59 41.70 -4.44
C LYS A 126 6.32 40.90 -5.71
N PHE A 127 5.23 41.20 -6.40
CA PHE A 127 4.87 40.47 -7.61
C PHE A 127 4.74 41.38 -8.80
N ILE A 128 4.86 40.77 -9.99
CA ILE A 128 4.77 41.47 -11.27
C ILE A 128 4.22 40.46 -12.26
N GLU A 129 3.64 40.93 -13.36
CA GLU A 129 3.11 40.08 -14.41
C GLU A 129 4.21 39.17 -14.98
N GLY A 130 3.89 37.91 -15.16
CA GLY A 130 4.82 36.97 -15.70
C GLY A 130 4.49 36.55 -17.12
N ASN A 131 5.44 35.90 -17.79
CA ASN A 131 5.24 35.34 -19.12
C ASN A 131 6.02 34.04 -19.20
N ILE A 132 5.71 33.22 -20.21
CA ILE A 132 6.24 31.86 -20.44
C ILE A 132 7.79 31.78 -20.37
N THR A 133 8.50 32.87 -20.71
CA THR A 133 9.97 32.86 -20.77
C THR A 133 10.63 32.94 -19.37
N TYR A 134 9.86 33.32 -18.33
CA TYR A 134 10.45 33.47 -17.01
C TYR A 134 10.67 32.15 -16.31
N THR A 135 11.90 31.94 -15.86
CA THR A 135 12.30 30.78 -15.03
C THR A 135 12.60 31.30 -13.61
N SER A 136 12.49 32.63 -13.45
CA SER A 136 12.65 33.38 -12.20
C SER A 136 11.72 34.59 -12.29
N PRO A 137 11.33 35.21 -11.15
CA PRO A 137 10.67 36.51 -11.27
C PRO A 137 11.71 37.53 -11.75
N PRO A 138 11.32 38.64 -12.40
CA PRO A 138 12.31 39.66 -12.75
C PRO A 138 13.05 40.17 -11.50
N PRO A 139 14.26 40.75 -11.63
CA PRO A 139 14.99 41.16 -10.43
C PRO A 139 14.18 42.07 -9.53
N GLN A 140 14.34 41.88 -8.19
CA GLN A 140 13.68 42.65 -7.12
C GLN A 140 12.23 42.17 -6.88
N PHE A 141 11.79 41.11 -7.58
CA PHE A 141 10.44 40.55 -7.39
C PHE A 141 10.56 39.12 -6.84
N ASP A 142 9.54 38.68 -6.10
CA ASP A 142 9.50 37.37 -5.46
C ASP A 142 8.55 36.40 -6.10
N SER A 143 7.61 36.89 -6.91
CA SER A 143 6.65 36.01 -7.56
C SER A 143 6.14 36.67 -8.81
N CYS A 144 5.47 35.92 -9.64
CA CYS A 144 4.82 36.48 -10.81
C CYS A 144 3.33 36.27 -10.71
N VAL A 145 2.55 37.05 -11.48
CA VAL A 145 1.10 36.98 -11.49
C VAL A 145 0.57 37.04 -12.93
N ASP A 146 -0.75 36.78 -13.10
CA ASP A 146 -1.45 36.92 -14.36
C ASP A 146 -1.61 38.42 -14.68
N THR A 147 -2.00 39.23 -13.67
CA THR A 147 -2.21 40.70 -13.77
C THR A 147 -1.81 41.35 -12.42
N ARG A 148 -1.13 42.52 -12.43
CA ARG A 148 -0.70 43.19 -11.17
C ARG A 148 -1.88 43.71 -10.35
N SER A 149 -2.96 44.15 -11.01
CA SER A 149 -4.15 44.58 -10.28
C SER A 149 -5.10 43.40 -10.16
N ASN A 150 -5.45 43.06 -8.92
CA ASN A 150 -6.33 41.96 -8.51
C ASN A 150 -5.89 40.63 -9.19
N PRO A 151 -4.65 40.16 -8.91
CA PRO A 151 -4.21 38.90 -9.50
C PRO A 151 -5.12 37.73 -9.14
N SER A 152 -5.26 36.79 -10.06
CA SER A 152 -6.06 35.58 -9.82
C SER A 152 -5.13 34.40 -9.49
N VAL A 153 -3.87 34.48 -9.97
CA VAL A 153 -2.93 33.41 -9.82
C VAL A 153 -1.53 33.97 -9.55
N PHE A 154 -0.78 33.25 -8.69
CA PHE A 154 0.60 33.56 -8.31
C PHE A 154 1.52 32.44 -8.74
N VAL A 155 2.66 32.81 -9.35
CA VAL A 155 3.67 31.84 -9.81
C VAL A 155 4.91 31.93 -8.91
N ILE A 156 5.26 30.78 -8.33
CA ILE A 156 6.38 30.64 -7.40
C ILE A 156 7.45 29.81 -8.04
N PHE A 157 8.68 30.33 -8.00
CA PHE A 157 9.85 29.72 -8.64
C PHE A 157 10.79 28.99 -7.67
N GLN A 158 10.45 28.98 -6.39
CA GLN A 158 11.25 28.34 -5.30
C GLN A 158 10.33 27.66 -4.31
N LYS A 159 10.58 26.39 -4.03
CA LYS A 159 9.80 25.59 -3.07
C LYS A 159 9.77 26.20 -1.64
N ASP A 160 10.90 26.79 -1.17
CA ASP A 160 10.99 27.33 0.22
C ASP A 160 10.04 28.51 0.48
N GLN A 161 9.39 29.07 -0.59
CA GLN A 161 8.40 30.12 -0.47
C GLN A 161 6.98 29.53 -0.23
N VAL A 162 6.87 28.19 -0.13
CA VAL A 162 5.58 27.52 0.02
C VAL A 162 5.65 26.45 1.11
N TYR A 163 4.54 26.33 1.83
CA TYR A 163 4.31 25.29 2.79
C TYR A 163 2.91 24.70 2.52
N PRO A 164 2.78 23.39 2.16
CA PRO A 164 1.42 22.78 1.99
C PRO A 164 0.82 22.63 3.40
N GLN A 165 -0.34 23.24 3.63
CA GLN A 165 -0.91 23.30 4.97
C GLN A 165 -2.15 22.38 5.19
N TYR A 166 -3.04 22.29 4.21
CA TYR A 166 -4.25 21.49 4.29
C TYR A 166 -4.53 20.82 2.99
N VAL A 167 -5.26 19.71 3.06
CA VAL A 167 -5.82 18.99 1.93
C VAL A 167 -7.31 18.97 2.17
N ILE A 168 -8.09 19.37 1.17
CA ILE A 168 -9.54 19.34 1.22
C ILE A 168 -10.06 18.32 0.24
N GLU A 169 -10.99 17.44 0.72
CA GLU A 169 -11.72 16.47 -0.10
C GLU A 169 -13.10 16.98 -0.27
N TYR A 170 -13.61 16.99 -1.49
CA TYR A 170 -14.90 17.60 -1.81
C TYR A 170 -15.53 16.96 -3.04
N THR A 171 -16.82 17.16 -3.19
CA THR A 171 -17.63 16.64 -4.32
C THR A 171 -18.55 17.75 -4.77
N GLU A 172 -18.91 17.74 -6.05
CA GLU A 172 -19.84 18.73 -6.63
C GLU A 172 -21.27 18.37 -6.25
N ASP A 173 -22.09 19.39 -5.94
CA ASP A 173 -23.51 19.23 -5.66
C ASP A 173 -24.21 18.78 -6.97
N LYS B 3 12.88 -3.42 3.47
CA LYS B 3 12.31 -4.76 3.54
C LYS B 3 13.36 -5.82 3.95
N LYS B 4 12.90 -6.78 4.75
CA LYS B 4 13.64 -7.91 5.31
C LYS B 4 13.86 -9.04 4.29
N TYR B 5 13.10 -9.04 3.19
CA TYR B 5 13.08 -10.14 2.22
C TYR B 5 12.84 -9.67 0.79
N LYS B 6 12.98 -10.61 -0.15
CA LYS B 6 12.71 -10.50 -1.59
C LYS B 6 11.76 -11.63 -1.95
N LEU B 7 10.76 -11.36 -2.79
CA LEU B 7 9.80 -12.35 -3.28
C LEU B 7 9.80 -12.24 -4.80
N SER B 8 10.42 -13.24 -5.51
CA SER B 8 10.69 -13.15 -6.94
C SER B 8 9.95 -14.18 -7.74
N GLU B 9 9.16 -13.71 -8.73
CA GLU B 9 8.46 -14.61 -9.62
C GLU B 9 9.46 -15.36 -10.53
N ILE B 10 9.30 -16.69 -10.57
CA ILE B 10 10.13 -17.59 -11.38
C ILE B 10 9.38 -17.94 -12.66
N HIS B 11 10.09 -18.01 -13.77
CA HIS B 11 9.55 -18.39 -15.06
C HIS B 11 9.10 -19.86 -15.01
N HIS B 12 8.00 -20.20 -15.70
CA HIS B 12 7.44 -21.56 -15.67
C HIS B 12 8.36 -22.65 -16.28
N LEU B 13 9.38 -22.27 -17.08
CA LEU B 13 10.28 -23.25 -17.66
C LEU B 13 11.58 -23.34 -16.86
N HIS B 14 11.70 -22.52 -15.80
CA HIS B 14 12.86 -22.61 -14.92
C HIS B 14 12.88 -23.97 -14.17
N PRO B 15 14.05 -24.67 -14.06
CA PRO B 15 14.07 -25.98 -13.35
C PRO B 15 13.50 -25.92 -11.91
N GLU B 16 13.71 -24.83 -11.14
CA GLU B 16 13.14 -24.70 -9.77
C GLU B 16 11.61 -24.67 -9.83
N TYR B 17 11.04 -23.98 -10.84
CA TYR B 17 9.59 -23.95 -11.05
C TYR B 17 9.06 -25.36 -11.30
N VAL B 18 9.68 -26.07 -12.26
CA VAL B 18 9.34 -27.44 -12.63
C VAL B 18 9.37 -28.34 -11.39
N ARG B 19 10.45 -28.29 -10.60
CA ARG B 19 10.60 -29.09 -9.39
C ARG B 19 9.47 -28.83 -8.35
N VAL B 20 9.19 -27.53 -8.06
CA VAL B 20 8.17 -27.15 -7.10
C VAL B 20 6.79 -27.57 -7.61
N SER B 21 6.50 -27.26 -8.90
CA SER B 21 5.27 -27.62 -9.59
C SER B 21 4.99 -29.13 -9.48
N GLU B 22 6.01 -29.99 -9.72
CA GLU B 22 5.88 -31.45 -9.60
C GLU B 22 5.56 -31.88 -8.15
N HIS B 23 6.25 -31.32 -7.13
CA HIS B 23 5.96 -31.63 -5.70
C HIS B 23 4.51 -31.32 -5.36
N PHE B 24 4.02 -30.15 -5.81
CA PHE B 24 2.65 -29.69 -5.60
C PHE B 24 1.62 -30.57 -6.31
N LYS B 25 1.84 -30.82 -7.61
CA LYS B 25 0.93 -31.59 -8.48
C LYS B 25 0.84 -33.07 -8.16
N ALA B 26 1.78 -33.61 -7.35
CA ALA B 26 1.76 -35.02 -6.95
C ALA B 26 0.45 -35.32 -6.16
N SER B 27 -0.10 -34.33 -5.44
CA SER B 27 -1.35 -34.45 -4.67
C SER B 27 -2.42 -33.40 -5.12
N MET B 28 -2.02 -32.31 -5.81
CA MET B 28 -2.98 -31.26 -6.21
C MET B 28 -3.36 -31.42 -7.67
N LYS B 29 -4.18 -32.44 -7.91
CA LYS B 29 -4.63 -32.86 -9.23
C LYS B 29 -5.64 -31.91 -9.92
N ASN B 30 -6.71 -31.49 -9.23
CA ASN B 30 -7.78 -30.65 -9.79
C ASN B 30 -7.47 -29.15 -9.62
N PHE B 31 -6.18 -28.80 -9.73
CA PHE B 31 -5.68 -27.43 -9.52
C PHE B 31 -4.68 -27.03 -10.60
N LYS B 32 -4.65 -25.73 -10.91
CA LYS B 32 -3.76 -25.13 -11.90
C LYS B 32 -2.87 -24.09 -11.19
N ILE B 33 -1.54 -24.18 -11.36
CA ILE B 33 -0.58 -23.23 -10.79
C ILE B 33 -0.63 -21.97 -11.64
N GLU B 34 -0.84 -20.80 -11.00
CA GLU B 34 -0.87 -19.50 -11.65
C GLU B 34 0.54 -18.87 -11.62
N LYS B 35 1.21 -18.96 -10.47
CA LYS B 35 2.55 -18.37 -10.24
C LYS B 35 3.30 -19.14 -9.17
N ILE B 36 4.64 -19.07 -9.23
CA ILE B 36 5.53 -19.60 -8.19
C ILE B 36 6.56 -18.48 -7.94
N LYS B 37 6.68 -18.12 -6.67
CA LYS B 37 7.60 -17.07 -6.26
C LYS B 37 8.63 -17.62 -5.28
N LYS B 38 9.88 -17.23 -5.45
CA LYS B 38 10.98 -17.66 -4.60
C LYS B 38 11.14 -16.65 -3.46
N ILE B 39 11.33 -17.13 -2.22
CA ILE B 39 11.53 -16.25 -1.07
C ILE B 39 13.01 -16.14 -0.74
N GLU B 40 13.45 -14.93 -0.50
CA GLU B 40 14.82 -14.73 -0.06
C GLU B 40 14.82 -13.85 1.21
N ASN B 41 15.22 -14.42 2.34
CA ASN B 41 15.33 -13.68 3.60
C ASN B 41 16.60 -14.21 4.29
N SER B 42 17.72 -13.46 4.18
CA SER B 42 19.04 -13.82 4.73
C SER B 42 19.01 -14.07 6.27
N GLU B 43 18.29 -13.24 7.02
CA GLU B 43 18.11 -13.35 8.47
C GLU B 43 17.48 -14.72 8.83
N LEU B 44 16.37 -15.08 8.16
CA LEU B 44 15.69 -16.36 8.39
C LEU B 44 16.55 -17.53 7.94
N LEU B 45 17.25 -17.38 6.81
CA LEU B 45 18.15 -18.42 6.28
C LEU B 45 19.34 -18.67 7.23
N ASP B 46 19.97 -17.61 7.78
CA ASP B 46 21.11 -17.76 8.70
C ASP B 46 20.71 -18.50 9.99
N LYS B 47 19.52 -18.19 10.54
CA LYS B 47 18.98 -18.86 11.74
C LYS B 47 18.75 -20.36 11.43
N PHE B 48 18.17 -20.66 10.24
CA PHE B 48 17.88 -22.00 9.79
C PHE B 48 19.18 -22.80 9.59
N THR B 49 20.16 -22.24 8.82
CA THR B 49 21.46 -22.88 8.52
C THR B 49 22.20 -23.20 9.83
N TRP B 50 22.12 -22.31 10.82
CA TRP B 50 22.73 -22.55 12.11
C TRP B 50 22.03 -23.71 12.84
N LYS B 51 20.68 -23.73 12.86
CA LYS B 51 19.91 -24.81 13.49
C LYS B 51 20.16 -26.16 12.76
N LYS B 52 20.28 -26.15 11.42
CA LYS B 52 20.55 -27.33 10.59
C LYS B 52 21.91 -27.93 10.96
N SER B 53 22.88 -27.05 11.25
CA SER B 53 24.25 -27.41 11.64
C SER B 53 24.25 -28.04 13.03
N GLN B 54 23.51 -27.45 13.99
CA GLN B 54 23.38 -27.97 15.36
C GLN B 54 22.66 -29.32 15.37
N MET B 55 21.65 -29.49 14.49
CA MET B 55 20.82 -30.68 14.45
C MET B 55 21.47 -31.82 13.70
N LYS B 56 22.22 -31.51 12.63
CA LYS B 56 22.87 -32.46 11.73
C LYS B 56 21.80 -33.34 11.03
N GLU B 57 20.72 -32.65 10.62
CA GLU B 57 19.62 -33.21 9.85
C GLU B 57 19.52 -32.49 8.54
N GLU B 58 18.91 -33.14 7.55
CA GLU B 58 18.67 -32.49 6.27
C GLU B 58 17.25 -31.89 6.35
N GLY B 59 17.00 -30.88 5.54
CA GLY B 59 15.67 -30.27 5.53
C GLY B 59 14.67 -31.12 4.76
N LYS B 60 13.39 -31.00 5.11
CA LYS B 60 12.31 -31.66 4.41
C LYS B 60 11.46 -30.57 3.73
N LEU B 61 11.12 -30.77 2.46
CA LEU B 61 10.25 -29.87 1.69
C LEU B 61 8.81 -30.16 2.12
N LEU B 62 8.18 -29.22 2.84
CA LEU B 62 6.79 -29.41 3.35
C LEU B 62 5.90 -28.25 2.94
N PHE B 63 4.56 -28.44 3.06
CA PHE B 63 3.57 -27.47 2.63
C PHE B 63 2.85 -26.78 3.79
N TYR B 64 2.41 -25.54 3.52
CA TYR B 64 1.67 -24.70 4.46
C TYR B 64 0.72 -23.83 3.65
N ALA B 65 -0.60 -24.17 3.67
CA ALA B 65 -1.59 -23.37 2.93
C ALA B 65 -2.06 -22.23 3.86
N THR B 66 -2.31 -21.04 3.34
CA THR B 66 -2.75 -19.91 4.20
C THR B 66 -3.41 -18.87 3.32
N SER B 67 -3.85 -17.77 3.93
CA SER B 67 -4.42 -16.64 3.23
C SER B 67 -3.29 -15.85 2.55
N ARG B 68 -3.62 -15.25 1.38
CA ARG B 68 -2.75 -14.33 0.65
C ARG B 68 -2.38 -13.13 1.54
N ALA B 69 -3.28 -12.77 2.49
CA ALA B 69 -3.11 -11.65 3.42
C ALA B 69 -1.92 -11.88 4.34
N TYR B 70 -1.49 -13.12 4.52
CA TYR B 70 -0.40 -13.41 5.44
C TYR B 70 0.95 -13.62 4.74
N VAL B 71 1.01 -13.53 3.40
CA VAL B 71 2.25 -13.79 2.66
C VAL B 71 3.42 -12.92 3.17
N GLU B 72 3.21 -11.60 3.29
CA GLU B 72 4.26 -10.68 3.72
C GLU B 72 4.74 -10.96 5.17
N SER B 73 3.79 -11.22 6.10
CA SER B 73 4.16 -11.52 7.50
C SER B 73 5.13 -12.77 7.57
N ILE B 74 4.85 -13.80 6.78
CA ILE B 74 5.62 -15.05 6.75
C ILE B 74 7.00 -14.82 6.09
N CYS B 75 7.03 -14.12 4.96
CA CYS B 75 8.29 -13.84 4.25
C CYS B 75 9.25 -13.01 5.08
N SER B 76 8.77 -12.10 5.95
CA SER B 76 9.69 -11.33 6.76
C SER B 76 9.92 -11.92 8.16
N ASN B 77 8.90 -12.56 8.80
CA ASN B 77 9.04 -12.99 10.19
C ASN B 77 8.94 -14.49 10.43
N ASN B 78 8.81 -15.30 9.38
CA ASN B 78 8.64 -16.75 9.48
C ASN B 78 7.18 -17.07 9.89
N PHE B 79 6.81 -18.33 9.87
CA PHE B 79 5.46 -18.79 10.17
C PHE B 79 5.10 -18.54 11.65
N ASP B 80 3.81 -18.34 11.90
CA ASP B 80 3.32 -17.94 13.21
C ASP B 80 2.53 -19.08 13.81
N SER B 81 2.99 -19.64 14.95
CA SER B 81 2.30 -20.75 15.65
C SER B 81 0.90 -20.29 16.20
N PHE B 82 0.67 -18.96 16.30
CA PHE B 82 -0.61 -18.45 16.82
C PHE B 82 -1.70 -18.45 15.75
N LEU B 83 -1.33 -18.79 14.52
CA LEU B 83 -2.26 -18.98 13.41
C LEU B 83 -2.57 -20.48 13.31
N HIS B 84 -3.79 -20.85 13.68
CA HIS B 84 -4.17 -22.26 13.67
C HIS B 84 -4.99 -22.60 12.42
N GLU B 85 -5.19 -23.87 12.16
CA GLU B 85 -5.96 -24.29 10.99
C GLU B 85 -7.14 -25.10 11.51
N THR B 86 -7.89 -25.81 10.66
CA THR B 86 -9.09 -26.54 11.09
C THR B 86 -8.76 -27.83 11.92
N ASN B 87 -7.48 -28.19 12.16
CA ASN B 87 -7.16 -29.31 13.05
C ASN B 87 -7.23 -28.83 14.53
N GLU B 88 -7.26 -27.49 14.74
CA GLU B 88 -7.39 -26.83 16.04
C GLU B 88 -6.36 -27.31 17.09
N ASN B 89 -5.06 -27.36 16.71
CA ASN B 89 -3.90 -27.77 17.52
C ASN B 89 -4.04 -29.17 18.15
N LYS B 90 -4.73 -30.10 17.44
CA LYS B 90 -4.99 -31.50 17.84
C LYS B 90 -3.69 -32.28 18.08
N TYR B 91 -2.58 -31.91 17.39
CA TYR B 91 -1.33 -32.68 17.55
C TYR B 91 -0.21 -31.85 18.22
N GLY B 92 -0.60 -30.78 18.91
CA GLY B 92 0.35 -29.94 19.62
C GLY B 92 0.20 -28.49 19.27
N LYS B 93 0.63 -27.59 20.17
CA LYS B 93 0.54 -26.15 19.92
C LYS B 93 1.86 -25.68 19.22
N GLY B 94 1.89 -25.86 17.91
CA GLY B 94 3.02 -25.46 17.05
C GLY B 94 2.53 -25.16 15.66
N ILE B 95 3.48 -25.04 14.71
CA ILE B 95 3.21 -24.74 13.30
C ILE B 95 3.02 -26.08 12.56
N TYR B 96 1.96 -26.17 11.74
CA TYR B 96 1.57 -27.39 11.04
C TYR B 96 2.05 -27.36 9.60
N PHE B 97 2.89 -28.34 9.25
CA PHE B 97 3.44 -28.50 7.90
C PHE B 97 3.03 -29.84 7.35
N ALA B 98 2.37 -29.86 6.18
CA ALA B 98 1.90 -31.13 5.59
C ALA B 98 2.93 -31.73 4.63
N LYS B 99 2.97 -33.07 4.60
CA LYS B 99 3.79 -33.81 3.65
C LYS B 99 3.28 -33.57 2.20
N ASP B 100 1.93 -33.60 2.02
CA ASP B 100 1.21 -33.42 0.75
C ASP B 100 0.46 -32.11 0.74
N ALA B 101 0.61 -31.37 -0.37
CA ALA B 101 -0.04 -30.06 -0.54
C ALA B 101 -1.58 -30.17 -0.35
N ILE B 102 -2.23 -31.26 -0.84
CA ILE B 102 -3.69 -31.47 -0.72
C ILE B 102 -4.16 -31.48 0.75
N TYR B 103 -3.34 -32.01 1.67
CA TYR B 103 -3.66 -32.05 3.08
C TYR B 103 -3.71 -30.58 3.66
N SER B 104 -2.65 -29.78 3.43
CA SER B 104 -2.62 -28.39 3.91
C SER B 104 -3.78 -27.59 3.30
N HIS B 105 -4.08 -27.83 2.01
CA HIS B 105 -5.20 -27.20 1.33
C HIS B 105 -6.56 -27.57 1.97
N LYS B 106 -6.82 -28.86 2.20
CA LYS B 106 -8.13 -29.24 2.73
C LYS B 106 -8.36 -28.74 4.18
N TYR B 107 -7.29 -28.62 4.99
CA TYR B 107 -7.39 -28.17 6.37
C TYR B 107 -7.26 -26.65 6.54
N CYS B 108 -7.11 -25.91 5.43
CA CYS B 108 -7.01 -24.46 5.43
C CYS B 108 -8.42 -23.89 5.51
N PRO B 109 -8.68 -23.00 6.51
CA PRO B 109 -10.05 -22.49 6.69
C PRO B 109 -10.51 -21.35 5.78
N TYR B 110 -9.63 -20.79 4.97
CA TYR B 110 -9.92 -19.61 4.14
CA TYR B 110 -9.92 -19.61 4.14
C TYR B 110 -10.57 -19.98 2.81
N ASP B 111 -11.30 -18.99 2.22
CA ASP B 111 -11.98 -19.12 0.91
C ASP B 111 -10.92 -19.43 -0.13
N ALA B 112 -11.18 -20.42 -1.00
CA ALA B 112 -10.29 -20.91 -2.04
C ALA B 112 -9.62 -19.79 -2.85
N LYS B 113 -10.36 -18.71 -3.16
CA LYS B 113 -9.90 -17.54 -3.91
C LYS B 113 -8.72 -16.83 -3.21
N ASN B 114 -8.61 -16.95 -1.87
CA ASN B 114 -7.60 -16.28 -1.05
C ASN B 114 -6.48 -17.20 -0.58
N VAL B 115 -6.56 -18.50 -0.89
CA VAL B 115 -5.57 -19.46 -0.39
C VAL B 115 -4.37 -19.53 -1.31
N VAL B 116 -3.19 -19.46 -0.71
CA VAL B 116 -1.88 -19.59 -1.35
C VAL B 116 -1.17 -20.74 -0.66
N MET B 117 -0.20 -21.38 -1.34
CA MET B 117 0.54 -22.51 -0.77
C MET B 117 2.00 -22.16 -0.57
N PHE B 118 2.46 -22.18 0.68
CA PHE B 118 3.87 -22.03 0.95
C PHE B 118 4.56 -23.37 0.82
N VAL B 119 5.83 -23.33 0.36
CA VAL B 119 6.73 -24.46 0.37
C VAL B 119 7.79 -24.06 1.39
N ALA B 120 7.95 -24.84 2.43
CA ALA B 120 8.94 -24.54 3.47
C ALA B 120 10.01 -25.66 3.58
N GLN B 121 11.25 -25.30 3.97
CA GLN B 121 12.31 -26.26 4.31
C GLN B 121 12.17 -26.46 5.82
N VAL B 122 11.95 -27.70 6.28
CA VAL B 122 11.66 -27.97 7.68
C VAL B 122 12.61 -29.05 8.29
N LEU B 123 13.21 -28.70 9.43
CA LEU B 123 14.10 -29.60 10.18
C LEU B 123 13.23 -30.41 11.15
N VAL B 124 12.64 -31.52 10.66
CA VAL B 124 11.75 -32.35 11.48
C VAL B 124 12.53 -33.18 12.55
N GLY B 125 13.76 -33.60 12.24
CA GLY B 125 14.59 -34.44 13.11
C GLY B 125 13.83 -35.68 13.56
N LYS B 126 13.90 -35.99 14.87
CA LYS B 126 13.18 -37.10 15.50
C LYS B 126 11.76 -36.67 15.84
N PHE B 127 10.75 -37.42 15.38
CA PHE B 127 9.36 -37.09 15.64
C PHE B 127 8.59 -38.18 16.40
N ILE B 128 7.49 -37.76 17.05
CA ILE B 128 6.62 -38.62 17.83
C ILE B 128 5.21 -38.01 17.76
N GLU B 129 4.19 -38.80 17.99
CA GLU B 129 2.80 -38.34 17.98
C GLU B 129 2.58 -37.22 19.01
N GLY B 130 1.89 -36.17 18.57
CA GLY B 130 1.59 -35.03 19.43
C GLY B 130 0.14 -34.99 19.88
N ASN B 131 -0.15 -34.18 20.91
CA ASN B 131 -1.51 -33.94 21.40
C ASN B 131 -1.61 -32.47 21.81
N ILE B 132 -2.84 -31.98 21.98
CA ILE B 132 -3.19 -30.56 22.27
C ILE B 132 -2.38 -29.95 23.45
N THR B 133 -1.98 -30.76 24.45
CA THR B 133 -1.27 -30.23 25.63
C THR B 133 0.22 -29.89 25.35
N TYR B 134 0.79 -30.38 24.23
CA TYR B 134 2.21 -30.13 23.97
C TYR B 134 2.47 -28.72 23.48
N THR B 135 3.39 -28.03 24.16
CA THR B 135 3.89 -26.68 23.81
C THR B 135 5.35 -26.84 23.33
N SER B 136 5.85 -28.08 23.44
CA SER B 136 7.17 -28.55 23.04
C SER B 136 7.06 -30.00 22.62
N PRO B 137 7.99 -30.54 21.78
CA PRO B 137 7.97 -31.98 21.56
C PRO B 137 8.42 -32.67 22.86
N PRO B 138 8.01 -33.94 23.13
CA PRO B 138 8.52 -34.63 24.33
C PRO B 138 10.06 -34.66 24.33
N PRO B 139 10.73 -34.76 25.51
CA PRO B 139 12.21 -34.74 25.50
C PRO B 139 12.81 -35.74 24.53
N GLN B 140 13.91 -35.32 23.86
CA GLN B 140 14.69 -36.10 22.88
C GLN B 140 14.03 -36.08 21.48
N PHE B 141 12.93 -35.31 21.31
CA PHE B 141 12.27 -35.22 20.01
C PHE B 141 12.33 -33.77 19.52
N ASP B 142 12.30 -33.59 18.19
CA ASP B 142 12.42 -32.28 17.54
C ASP B 142 11.14 -31.79 16.93
N SER B 143 10.16 -32.68 16.74
CA SER B 143 8.88 -32.33 16.13
C SER B 143 7.83 -33.32 16.57
N CYS B 144 6.56 -32.99 16.36
CA CYS B 144 5.45 -33.90 16.63
C CYS B 144 4.75 -34.19 15.34
N VAL B 145 3.97 -35.28 15.30
CA VAL B 145 3.23 -35.71 14.11
C VAL B 145 1.81 -36.15 14.50
N ASP B 146 0.95 -36.37 13.49
CA ASP B 146 -0.39 -36.92 13.67
C ASP B 146 -0.26 -38.43 14.04
N THR B 147 0.63 -39.15 13.32
CA THR B 147 0.88 -40.60 13.46
C THR B 147 2.37 -40.87 13.15
N ARG B 148 3.05 -41.74 13.94
CA ARG B 148 4.48 -42.05 13.71
C ARG B 148 4.72 -42.82 12.39
N SER B 149 3.74 -43.66 11.98
CA SER B 149 3.83 -44.37 10.70
C SER B 149 3.11 -43.55 9.63
N ASN B 150 3.84 -43.22 8.58
CA ASN B 150 3.38 -42.40 7.44
C ASN B 150 2.70 -41.10 7.93
N PRO B 151 3.44 -40.21 8.66
CA PRO B 151 2.82 -38.96 9.12
C PRO B 151 2.31 -38.12 7.96
N SER B 152 1.17 -37.45 8.16
CA SER B 152 0.61 -36.56 7.16
C SER B 152 0.97 -35.13 7.47
N VAL B 153 1.23 -34.85 8.78
CA VAL B 153 1.49 -33.48 9.24
C VAL B 153 2.61 -33.49 10.30
N PHE B 154 3.43 -32.44 10.29
CA PHE B 154 4.54 -32.22 11.23
C PHE B 154 4.29 -30.93 12.00
N VAL B 155 4.50 -30.98 13.32
CA VAL B 155 4.27 -29.85 14.21
C VAL B 155 5.65 -29.35 14.71
N ILE B 156 5.95 -28.10 14.39
CA ILE B 156 7.22 -27.43 14.71
C ILE B 156 6.94 -26.37 15.78
N PHE B 157 7.73 -26.37 16.82
CA PHE B 157 7.58 -25.56 18.00
C PHE B 157 8.66 -24.45 18.08
N GLN B 158 9.58 -24.41 17.10
CA GLN B 158 10.64 -23.36 17.01
C GLN B 158 10.76 -22.84 15.59
N LYS B 159 10.72 -21.52 15.40
CA LYS B 159 10.86 -20.87 14.09
C LYS B 159 12.18 -21.25 13.37
N ASP B 160 13.32 -21.28 14.10
CA ASP B 160 14.65 -21.52 13.50
C ASP B 160 14.76 -22.93 12.82
N GLN B 161 13.76 -23.84 13.02
CA GLN B 161 13.69 -25.14 12.35
C GLN B 161 13.02 -25.04 10.96
N VAL B 162 12.61 -23.83 10.56
CA VAL B 162 11.87 -23.59 9.31
C VAL B 162 12.44 -22.41 8.54
N TYR B 163 12.41 -22.56 7.22
CA TYR B 163 12.75 -21.51 6.28
C TYR B 163 11.63 -21.47 5.18
N PRO B 164 10.85 -20.37 5.06
CA PRO B 164 9.86 -20.29 3.96
C PRO B 164 10.63 -20.12 2.63
N GLN B 165 10.42 -21.05 1.69
CA GLN B 165 11.21 -21.08 0.47
C GLN B 165 10.44 -20.58 -0.81
N TYR B 166 9.18 -20.99 -0.99
CA TYR B 166 8.37 -20.60 -2.13
C TYR B 166 6.95 -20.30 -1.74
N VAL B 167 6.28 -19.54 -2.57
CA VAL B 167 4.85 -19.23 -2.49
C VAL B 167 4.26 -19.67 -3.82
N ILE B 168 3.20 -20.48 -3.78
CA ILE B 168 2.48 -20.93 -4.97
C ILE B 168 1.08 -20.31 -5.01
N GLU B 169 0.73 -19.69 -6.15
CA GLU B 169 -0.60 -19.17 -6.43
C GLU B 169 -1.27 -20.14 -7.36
N TYR B 170 -2.49 -20.55 -7.05
CA TYR B 170 -3.21 -21.58 -7.80
C TYR B 170 -4.73 -21.41 -7.70
N THR B 171 -5.45 -22.06 -8.61
CA THR B 171 -6.92 -22.06 -8.69
C THR B 171 -7.38 -23.46 -8.98
N GLU B 172 -8.60 -23.81 -8.53
CA GLU B 172 -9.20 -25.12 -8.81
C GLU B 172 -9.71 -25.20 -10.23
N ASP B 173 -9.54 -26.37 -10.87
CA ASP B 173 -10.07 -26.65 -12.20
C ASP B 173 -11.60 -26.72 -12.13
N LYS C 4 -5.64 -0.80 -7.38
CA LYS C 4 -5.92 -0.92 -8.81
C LYS C 4 -4.91 -1.80 -9.55
N TYR C 5 -3.74 -2.02 -8.92
CA TYR C 5 -2.59 -2.70 -9.53
C TYR C 5 -1.79 -3.51 -8.52
N LYS C 6 -0.92 -4.36 -9.05
CA LYS C 6 0.02 -5.23 -8.37
C LYS C 6 1.42 -5.00 -8.97
N LEU C 7 2.45 -5.18 -8.13
CA LEU C 7 3.86 -5.08 -8.47
CA LEU C 7 3.86 -5.08 -8.48
C LEU C 7 4.55 -6.36 -8.13
N SER C 8 5.14 -6.99 -9.10
CA SER C 8 5.78 -8.25 -8.75
C SER C 8 7.26 -8.24 -9.12
N GLU C 9 8.14 -8.44 -8.15
CA GLU C 9 9.56 -8.54 -8.41
C GLU C 9 9.83 -9.84 -9.18
N ILE C 10 10.59 -9.69 -10.30
CA ILE C 10 10.91 -10.79 -11.21
C ILE C 10 12.29 -11.29 -10.91
N HIS C 11 12.46 -12.64 -10.94
CA HIS C 11 13.74 -13.32 -10.80
C HIS C 11 14.71 -12.88 -11.94
N HIS C 12 15.99 -12.69 -11.64
CA HIS C 12 16.99 -12.21 -12.60
C HIS C 12 17.23 -13.17 -13.81
N LEU C 13 16.81 -14.44 -13.72
CA LEU C 13 17.00 -15.37 -14.85
C LEU C 13 15.71 -15.53 -15.65
N HIS C 14 14.61 -14.87 -15.21
CA HIS C 14 13.35 -14.88 -15.94
C HIS C 14 13.57 -14.24 -17.33
N PRO C 15 13.01 -14.78 -18.43
CA PRO C 15 13.20 -14.15 -19.77
C PRO C 15 12.78 -12.68 -19.82
N GLU C 16 11.71 -12.28 -19.09
CA GLU C 16 11.31 -10.86 -19.09
C GLU C 16 12.35 -10.01 -18.40
N TYR C 17 13.02 -10.53 -17.35
CA TYR C 17 14.08 -9.77 -16.68
C TYR C 17 15.26 -9.57 -17.63
N VAL C 18 15.72 -10.65 -18.26
CA VAL C 18 16.81 -10.67 -19.23
C VAL C 18 16.53 -9.65 -20.34
N ARG C 19 15.32 -9.70 -20.93
CA ARG C 19 14.90 -8.80 -22.02
C ARG C 19 14.98 -7.34 -21.59
N VAL C 20 14.37 -7.02 -20.45
CA VAL C 20 14.31 -5.64 -19.93
C VAL C 20 15.71 -5.19 -19.56
N SER C 21 16.46 -6.00 -18.81
CA SER C 21 17.83 -5.70 -18.40
C SER C 21 18.74 -5.38 -19.63
N GLU C 22 18.66 -6.18 -20.69
CA GLU C 22 19.43 -5.97 -21.91
C GLU C 22 19.04 -4.68 -22.60
N HIS C 23 17.73 -4.37 -22.72
CA HIS C 23 17.25 -3.11 -23.33
C HIS C 23 17.77 -1.91 -22.54
N PHE C 24 17.75 -1.99 -21.23
CA PHE C 24 18.22 -0.92 -20.33
C PHE C 24 19.75 -0.72 -20.47
N LYS C 25 20.52 -1.83 -20.35
CA LYS C 25 21.97 -1.81 -20.39
C LYS C 25 22.57 -1.44 -21.76
N ALA C 26 21.75 -1.43 -22.84
CA ALA C 26 22.24 -1.06 -24.18
C ALA C 26 22.72 0.38 -24.18
N SER C 27 22.13 1.26 -23.34
CA SER C 27 22.49 2.68 -23.20
C SER C 27 22.89 3.05 -21.74
N MET C 28 22.51 2.23 -20.74
CA MET C 28 22.81 2.54 -19.34
C MET C 28 24.03 1.78 -18.83
N LYS C 29 25.16 2.18 -19.38
CA LYS C 29 26.51 1.81 -19.03
C LYS C 29 26.77 2.79 -17.92
N ASN C 30 27.45 2.38 -16.89
CA ASN C 30 27.78 3.12 -15.66
C ASN C 30 26.64 3.04 -14.62
N PHE C 31 25.72 2.09 -14.81
CA PHE C 31 24.57 1.89 -13.91
C PHE C 31 24.39 0.41 -13.59
N LYS C 32 23.91 0.10 -12.39
CA LYS C 32 23.61 -1.26 -11.93
C LYS C 32 22.10 -1.36 -11.61
N ILE C 33 21.42 -2.37 -12.18
CA ILE C 33 19.99 -2.68 -11.90
C ILE C 33 19.92 -3.29 -10.52
N GLU C 34 19.09 -2.73 -9.66
CA GLU C 34 18.86 -3.23 -8.31
C GLU C 34 17.68 -4.19 -8.33
N LYS C 35 16.61 -3.84 -9.08
CA LYS C 35 15.37 -4.61 -9.15
C LYS C 35 14.63 -4.36 -10.40
N ILE C 36 13.83 -5.36 -10.87
CA ILE C 36 12.87 -5.19 -11.97
C ILE C 36 11.54 -5.74 -11.47
N LYS C 37 10.51 -4.90 -11.50
CA LYS C 37 9.18 -5.27 -11.08
C LYS C 37 8.22 -5.19 -12.23
N LYS C 38 7.35 -6.19 -12.34
CA LYS C 38 6.33 -6.28 -13.37
C LYS C 38 5.09 -5.59 -12.85
N ILE C 39 4.48 -4.74 -13.69
CA ILE C 39 3.27 -4.01 -13.29
C ILE C 39 2.06 -4.82 -13.77
N GLU C 40 1.07 -4.99 -12.89
CA GLU C 40 -0.14 -5.66 -13.31
C GLU C 40 -1.32 -4.75 -12.99
N ASN C 41 -1.97 -4.26 -14.02
CA ASN C 41 -3.16 -3.43 -13.88
C ASN C 41 -4.06 -3.85 -15.02
N SER C 42 -5.08 -4.67 -14.69
CA SER C 42 -6.03 -5.26 -15.67
C SER C 42 -6.79 -4.17 -16.45
N GLU C 43 -7.22 -3.09 -15.74
CA GLU C 43 -7.96 -1.96 -16.33
C GLU C 43 -7.10 -1.28 -17.44
N LEU C 44 -5.85 -0.97 -17.15
CA LEU C 44 -4.93 -0.35 -18.11
C LEU C 44 -4.59 -1.33 -19.24
N LEU C 45 -4.41 -2.62 -18.91
CA LEU C 45 -4.09 -3.64 -19.90
C LEU C 45 -5.25 -3.85 -20.88
N ASP C 46 -6.51 -3.89 -20.39
CA ASP C 46 -7.71 -4.07 -21.24
C ASP C 46 -7.88 -2.90 -22.21
N LYS C 47 -7.67 -1.67 -21.75
CA LYS C 47 -7.73 -0.46 -22.60
C LYS C 47 -6.66 -0.54 -23.71
N PHE C 48 -5.43 -0.96 -23.34
CA PHE C 48 -4.30 -1.10 -24.26
C PHE C 48 -4.55 -2.22 -25.29
N THR C 49 -4.96 -3.43 -24.83
CA THR C 49 -5.25 -4.61 -25.70
C THR C 49 -6.35 -4.24 -26.71
N TRP C 50 -7.36 -3.47 -26.27
CA TRP C 50 -8.42 -3.02 -27.16
C TRP C 50 -7.86 -2.06 -28.21
N LYS C 51 -7.03 -1.08 -27.80
CA LYS C 51 -6.42 -0.10 -28.72
C LYS C 51 -5.46 -0.82 -29.70
N LYS C 52 -4.71 -1.83 -29.22
CA LYS C 52 -3.78 -2.63 -30.02
C LYS C 52 -4.53 -3.38 -31.13
N SER C 53 -5.75 -3.87 -30.80
CA SER C 53 -6.67 -4.58 -31.71
C SER C 53 -7.20 -3.62 -32.79
N GLN C 54 -7.63 -2.42 -32.38
CA GLN C 54 -8.13 -1.38 -33.28
C GLN C 54 -7.03 -0.84 -34.20
N MET C 55 -5.79 -0.78 -33.70
CA MET C 55 -4.67 -0.22 -34.43
C MET C 55 -4.02 -1.21 -35.35
N LYS C 56 -3.98 -2.48 -34.95
CA LYS C 56 -3.38 -3.60 -35.70
C LYS C 56 -1.85 -3.36 -35.81
N GLU C 57 -1.28 -2.87 -34.71
CA GLU C 57 0.15 -2.59 -34.55
C GLU C 57 0.69 -3.41 -33.39
N GLU C 58 1.98 -3.67 -33.39
CA GLU C 58 2.60 -4.34 -32.26
C GLU C 58 3.10 -3.23 -31.29
N GLY C 59 3.27 -3.57 -30.02
CA GLY C 59 3.78 -2.56 -29.10
C GLY C 59 5.28 -2.40 -29.20
N LYS C 60 5.78 -1.20 -28.89
CA LYS C 60 7.21 -0.92 -28.83
C LYS C 60 7.61 -0.72 -27.36
N LEU C 61 8.69 -1.38 -26.93
CA LEU C 61 9.25 -1.22 -25.61
C LEU C 61 10.02 0.11 -25.52
N LEU C 62 9.49 1.10 -24.76
CA LEU C 62 10.09 2.42 -24.61
C LEU C 62 10.29 2.78 -23.13
N PHE C 63 11.10 3.82 -22.86
CA PHE C 63 11.47 4.24 -21.52
C PHE C 63 10.85 5.57 -21.08
N TYR C 64 10.68 5.69 -19.76
CA TYR C 64 10.15 6.84 -19.06
C TYR C 64 10.76 6.88 -17.65
N ALA C 65 11.70 7.81 -17.42
CA ALA C 65 12.31 7.99 -16.11
C ALA C 65 11.45 8.97 -15.29
N THR C 66 11.31 8.76 -14.00
CA THR C 66 10.52 9.67 -13.14
C THR C 66 10.92 9.47 -11.70
N SER C 67 10.30 10.25 -10.81
CA SER C 67 10.51 10.13 -9.39
C SER C 67 9.84 8.85 -8.87
N ARG C 68 10.46 8.22 -7.86
CA ARG C 68 9.86 7.11 -7.12
C ARG C 68 8.50 7.56 -6.48
N ALA C 69 8.33 8.88 -6.19
CA ALA C 69 7.10 9.45 -5.64
C ALA C 69 5.91 9.26 -6.58
N TYR C 70 6.18 9.08 -7.87
CA TYR C 70 5.12 8.98 -8.88
C TYR C 70 4.85 7.58 -9.34
N VAL C 71 5.57 6.56 -8.79
CA VAL C 71 5.38 5.16 -9.23
C VAL C 71 3.92 4.73 -9.08
N GLU C 72 3.31 5.00 -7.91
CA GLU C 72 1.94 4.62 -7.61
C GLU C 72 0.95 5.29 -8.53
N SER C 73 1.07 6.62 -8.80
CA SER C 73 0.15 7.33 -9.70
C SER C 73 0.16 6.67 -11.13
N ILE C 74 1.35 6.35 -11.65
CA ILE C 74 1.51 5.75 -12.98
C ILE C 74 0.96 4.31 -13.02
N CYS C 75 1.27 3.50 -11.99
CA CYS C 75 0.81 2.10 -11.98
C CYS C 75 -0.68 1.99 -11.86
N SER C 76 -1.35 2.96 -11.18
CA SER C 76 -2.80 2.85 -11.12
C SER C 76 -3.53 3.66 -12.19
N ASN C 77 -2.99 4.81 -12.65
CA ASN C 77 -3.74 5.69 -13.59
C ASN C 77 -3.09 5.92 -14.94
N ASN C 78 -1.95 5.27 -15.23
CA ASN C 78 -1.19 5.47 -16.46
C ASN C 78 -0.41 6.78 -16.40
N PHE C 79 0.47 7.01 -17.39
CA PHE C 79 1.33 8.19 -17.42
C PHE C 79 0.49 9.47 -17.58
N ASP C 80 1.02 10.58 -17.05
CA ASP C 80 0.30 11.83 -17.03
C ASP C 80 1.00 12.82 -17.95
N SER C 81 0.31 13.29 -19.00
CA SER C 81 0.87 14.28 -19.93
C SER C 81 1.18 15.62 -19.25
N PHE C 82 0.53 15.89 -18.08
CA PHE C 82 0.75 17.16 -17.36
C PHE C 82 2.06 17.13 -16.53
N LEU C 83 2.76 15.96 -16.50
CA LEU C 83 4.06 15.82 -15.85
C LEU C 83 5.11 16.02 -16.93
N HIS C 84 5.80 17.13 -16.87
CA HIS C 84 6.77 17.53 -17.89
C HIS C 84 8.16 17.14 -17.46
N GLU C 85 9.05 17.04 -18.43
CA GLU C 85 10.45 16.73 -18.18
C GLU C 85 11.19 17.96 -18.67
N THR C 86 12.50 17.92 -18.71
CA THR C 86 13.26 19.09 -19.12
C THR C 86 13.15 19.41 -20.70
N ASN C 87 12.38 18.62 -21.54
CA ASN C 87 12.17 18.98 -22.98
C ASN C 87 11.03 20.00 -23.15
N GLU C 88 10.21 20.16 -22.06
CA GLU C 88 9.12 21.13 -21.98
C GLU C 88 8.15 21.16 -23.21
N ASN C 89 7.63 19.97 -23.65
CA ASN C 89 6.63 19.77 -24.73
C ASN C 89 7.05 20.35 -26.11
N LYS C 90 8.36 20.33 -26.38
CA LYS C 90 9.00 20.77 -27.62
C LYS C 90 8.46 20.04 -28.90
N TYR C 91 8.02 18.77 -28.77
CA TYR C 91 7.56 17.99 -29.93
C TYR C 91 6.07 17.64 -29.85
N GLY C 92 5.32 18.40 -29.05
CA GLY C 92 3.89 18.21 -28.89
C GLY C 92 3.45 18.05 -27.45
N LYS C 93 2.18 18.39 -27.16
CA LYS C 93 1.64 18.29 -25.80
C LYS C 93 1.05 16.88 -25.54
N GLY C 94 1.93 15.95 -25.22
CA GLY C 94 1.61 14.57 -24.92
C GLY C 94 2.64 13.98 -23.98
N ILE C 95 2.65 12.65 -23.84
CA ILE C 95 3.58 11.93 -22.97
C ILE C 95 4.80 11.54 -23.79
N TYR C 96 6.00 11.76 -23.21
CA TYR C 96 7.28 11.53 -23.89
C TYR C 96 7.91 10.20 -23.45
N PHE C 97 8.15 9.32 -24.42
CA PHE C 97 8.75 8.00 -24.26
C PHE C 97 10.01 7.90 -25.08
N ALA C 98 11.14 7.56 -24.43
CA ALA C 98 12.45 7.50 -25.09
C ALA C 98 12.75 6.13 -25.64
N LYS C 99 13.45 6.09 -26.78
CA LYS C 99 13.92 4.84 -27.35
C LYS C 99 15.02 4.24 -26.45
N ASP C 100 15.95 5.12 -25.93
CA ASP C 100 17.09 4.74 -25.08
C ASP C 100 16.85 5.19 -23.66
N ALA C 101 17.11 4.28 -22.70
CA ALA C 101 16.93 4.56 -21.26
C ALA C 101 17.79 5.77 -20.83
N ILE C 102 19.02 5.91 -21.36
CA ILE C 102 19.92 7.03 -21.05
C ILE C 102 19.29 8.42 -21.37
N TYR C 103 18.49 8.51 -22.46
CA TYR C 103 17.82 9.75 -22.88
C TYR C 103 16.80 10.15 -21.82
N SER C 104 15.90 9.21 -21.41
CA SER C 104 14.88 9.50 -20.39
C SER C 104 15.55 9.87 -19.05
N HIS C 105 16.64 9.17 -18.71
CA HIS C 105 17.42 9.44 -17.51
C HIS C 105 18.02 10.86 -17.54
N LYS C 106 18.67 11.26 -18.64
CA LYS C 106 19.31 12.56 -18.67
C LYS C 106 18.30 13.74 -18.67
N TYR C 107 17.08 13.56 -19.25
CA TYR C 107 16.07 14.61 -19.33
C TYR C 107 15.14 14.61 -18.08
N CYS C 108 15.38 13.71 -17.12
CA CYS C 108 14.58 13.60 -15.90
C CYS C 108 15.09 14.60 -14.92
N PRO C 109 14.20 15.48 -14.39
CA PRO C 109 14.69 16.57 -13.53
C PRO C 109 14.96 16.25 -12.07
N TYR C 110 14.63 15.03 -11.62
CA TYR C 110 14.75 14.64 -10.21
CA TYR C 110 14.75 14.64 -10.21
C TYR C 110 16.14 14.14 -9.82
N ASP C 111 16.45 14.19 -8.50
CA ASP C 111 17.73 13.75 -7.94
C ASP C 111 17.89 12.28 -8.23
N ALA C 112 19.08 11.88 -8.71
CA ALA C 112 19.43 10.52 -9.15
C ALA C 112 18.98 9.45 -8.14
N LYS C 113 19.09 9.72 -6.82
CA LYS C 113 18.69 8.80 -5.76
C LYS C 113 17.20 8.45 -5.80
N ASN C 114 16.35 9.34 -6.38
CA ASN C 114 14.90 9.22 -6.43
C ASN C 114 14.36 8.82 -7.79
N VAL C 115 15.23 8.67 -8.78
CA VAL C 115 14.80 8.33 -10.12
C VAL C 115 14.68 6.82 -10.33
N VAL C 116 13.56 6.42 -10.92
CA VAL C 116 13.25 5.04 -11.27
C VAL C 116 13.00 5.06 -12.77
N MET C 117 13.14 3.89 -13.42
CA MET C 117 12.91 3.81 -14.86
C MET C 117 11.70 2.94 -15.18
N PHE C 118 10.73 3.52 -15.85
CA PHE C 118 9.59 2.75 -16.34
C PHE C 118 9.90 2.21 -17.68
N VAL C 119 9.35 1.02 -17.95
CA VAL C 119 9.38 0.40 -19.25
C VAL C 119 7.94 0.38 -19.66
N ALA C 120 7.61 1.03 -20.77
CA ALA C 120 6.22 1.03 -21.24
C ALA C 120 6.10 0.31 -22.59
N GLN C 121 4.92 -0.32 -22.82
CA GLN C 121 4.55 -0.84 -24.13
C GLN C 121 3.80 0.29 -24.79
N VAL C 122 4.30 0.74 -25.94
CA VAL C 122 3.74 1.92 -26.60
C VAL C 122 3.32 1.61 -28.04
N LEU C 123 2.06 1.96 -28.36
CA LEU C 123 1.51 1.78 -29.69
C LEU C 123 1.82 3.04 -30.49
N VAL C 124 3.02 3.09 -31.10
CA VAL C 124 3.50 4.27 -31.83
C VAL C 124 2.78 4.41 -33.18
N GLY C 125 2.44 3.28 -33.84
CA GLY C 125 1.80 3.26 -35.16
C GLY C 125 2.58 4.10 -36.15
N LYS C 126 1.87 4.95 -36.94
CA LYS C 126 2.47 5.88 -37.88
C LYS C 126 2.88 7.16 -37.16
N PHE C 127 4.15 7.57 -37.31
CA PHE C 127 4.66 8.77 -36.63
C PHE C 127 5.17 9.84 -37.60
N ILE C 128 5.20 11.09 -37.10
CA ILE C 128 5.66 12.26 -37.86
C ILE C 128 6.23 13.24 -36.83
N GLU C 129 7.09 14.17 -37.28
CA GLU C 129 7.69 15.17 -36.41
C GLU C 129 6.62 16.04 -35.74
N GLY C 130 6.80 16.29 -34.45
CA GLY C 130 5.86 17.12 -33.70
C GLY C 130 6.41 18.47 -33.32
N ASN C 131 5.52 19.38 -32.88
CA ASN C 131 5.90 20.68 -32.38
C ASN C 131 4.95 21.04 -31.22
N ILE C 132 5.32 22.08 -30.42
CA ILE C 132 4.64 22.54 -29.20
C ILE C 132 3.11 22.78 -29.38
N THR C 133 2.64 23.14 -30.60
CA THR C 133 1.21 23.43 -30.83
C THR C 133 0.33 22.16 -30.93
N TYR C 134 0.92 20.98 -31.12
CA TYR C 134 0.13 19.79 -31.29
C TYR C 134 -0.43 19.28 -29.98
N THR C 135 -1.76 19.08 -29.95
CA THR C 135 -2.52 18.49 -28.82
C THR C 135 -3.00 17.11 -29.31
N SER C 136 -2.73 16.82 -30.58
CA SER C 136 -3.01 15.56 -31.29
C SER C 136 -1.92 15.34 -32.33
N PRO C 137 -1.68 14.08 -32.78
CA PRO C 137 -0.78 13.92 -33.94
C PRO C 137 -1.51 14.48 -35.19
N PRO C 138 -0.81 14.95 -36.25
CA PRO C 138 -1.53 15.40 -37.45
C PRO C 138 -2.45 14.26 -37.97
N PRO C 139 -3.53 14.58 -38.74
CA PRO C 139 -4.42 13.50 -39.21
C PRO C 139 -3.67 12.36 -39.89
N GLN C 140 -4.12 11.13 -39.60
CA GLN C 140 -3.59 9.86 -40.15
C GLN C 140 -2.31 9.40 -39.40
N PHE C 141 -1.91 10.10 -38.34
CA PHE C 141 -0.75 9.69 -37.55
C PHE C 141 -1.19 9.35 -36.15
N ASP C 142 -0.44 8.44 -35.50
CA ASP C 142 -0.74 7.92 -34.18
C ASP C 142 0.17 8.46 -33.10
N SER C 143 1.32 9.00 -33.49
CA SER C 143 2.27 9.54 -32.52
C SER C 143 3.12 10.60 -33.21
N CYS C 144 3.83 11.39 -32.42
CA CYS C 144 4.75 12.36 -32.94
C CYS C 144 6.13 11.98 -32.46
N VAL C 145 7.15 12.50 -33.15
CA VAL C 145 8.55 12.24 -32.81
C VAL C 145 9.38 13.56 -32.85
N ASP C 146 10.63 13.52 -32.35
CA ASP C 146 11.59 14.62 -32.44
C ASP C 146 12.05 14.74 -33.93
N THR C 147 12.33 13.58 -34.57
CA THR C 147 12.81 13.44 -35.97
C THR C 147 12.27 12.13 -36.57
N ARG C 148 11.80 12.14 -37.85
CA ARG C 148 11.25 10.93 -38.50
C ARG C 148 12.32 9.85 -38.73
N SER C 149 13.59 10.25 -38.98
CA SER C 149 14.67 9.29 -39.12
C SER C 149 15.35 9.11 -37.78
N ASN C 150 15.38 7.86 -37.31
CA ASN C 150 15.95 7.39 -36.03
C ASN C 150 15.46 8.31 -34.87
N PRO C 151 14.13 8.29 -34.61
CA PRO C 151 13.59 9.12 -33.52
C PRO C 151 14.21 8.74 -32.18
N SER C 152 14.41 9.73 -31.31
CA SER C 152 14.94 9.50 -29.95
C SER C 152 13.80 9.45 -28.95
N VAL C 153 12.70 10.13 -29.27
CA VAL C 153 11.56 10.28 -28.39
C VAL C 153 10.23 10.18 -29.20
N PHE C 154 9.20 9.60 -28.57
CA PHE C 154 7.86 9.43 -29.11
C PHE C 154 6.86 10.14 -28.21
N VAL C 155 5.93 10.86 -28.83
CA VAL C 155 4.91 11.65 -28.11
C VAL C 155 3.55 11.00 -28.33
N ILE C 156 2.92 10.63 -27.24
CA ILE C 156 1.64 9.92 -27.19
C ILE C 156 0.61 10.86 -26.58
N PHE C 157 -0.51 10.99 -27.26
CA PHE C 157 -1.57 11.94 -26.91
C PHE C 157 -2.80 11.24 -26.32
N GLN C 158 -2.76 9.90 -26.19
CA GLN C 158 -3.86 9.09 -25.65
C GLN C 158 -3.29 8.02 -24.72
N LYS C 159 -3.81 7.96 -23.48
CA LYS C 159 -3.39 6.96 -22.48
C LYS C 159 -3.55 5.52 -22.97
N ASP C 160 -4.66 5.17 -23.67
CA ASP C 160 -4.93 3.80 -24.13
C ASP C 160 -3.86 3.24 -25.12
N GLN C 161 -2.95 4.08 -25.64
CA GLN C 161 -1.84 3.66 -26.52
C GLN C 161 -0.61 3.23 -25.71
N VAL C 162 -0.71 3.29 -24.37
CA VAL C 162 0.39 2.95 -23.47
C VAL C 162 -0.08 2.03 -22.37
N TYR C 163 0.83 1.14 -21.98
CA TYR C 163 0.68 0.28 -20.86
C TYR C 163 2.00 0.37 -20.05
N PRO C 164 2.01 0.86 -18.79
CA PRO C 164 3.26 0.79 -17.98
C PRO C 164 3.50 -0.66 -17.63
N GLN C 165 4.64 -1.23 -18.08
CA GLN C 165 4.89 -2.67 -17.97
C GLN C 165 5.86 -3.06 -16.87
N TYR C 166 6.94 -2.31 -16.71
CA TYR C 166 7.96 -2.60 -15.69
C TYR C 166 8.44 -1.35 -15.04
N VAL C 167 8.94 -1.50 -13.82
CA VAL C 167 9.63 -0.47 -13.05
C VAL C 167 11.01 -1.02 -12.74
N ILE C 168 12.04 -0.23 -13.05
CA ILE C 168 13.42 -0.60 -12.81
C ILE C 168 13.98 0.32 -11.71
N GLU C 169 14.62 -0.30 -10.70
CA GLU C 169 15.38 0.42 -9.68
C GLU C 169 16.83 0.22 -10.01
N TYR C 170 17.62 1.29 -9.98
CA TYR C 170 19.02 1.29 -10.38
C TYR C 170 19.82 2.37 -9.68
N THR C 171 21.15 2.21 -9.69
CA THR C 171 22.10 3.15 -9.08
C THR C 171 23.27 3.31 -10.02
N GLU C 172 23.91 4.50 -10.02
CA GLU C 172 25.10 4.77 -10.81
C GLU C 172 26.30 4.10 -10.18
N ASP C 173 27.19 3.55 -11.01
CA ASP C 173 28.45 2.94 -10.57
C ASP C 173 29.38 4.07 -10.06
N LYS D 4 -9.22 -2.21 -0.62
CA LYS D 4 -10.51 -2.49 0.01
C LYS D 4 -10.86 -1.48 1.11
N TYR D 5 -9.84 -0.79 1.63
CA TYR D 5 -9.96 0.13 2.76
C TYR D 5 -9.02 1.36 2.67
N LYS D 6 -9.24 2.30 3.58
CA LYS D 6 -8.48 3.53 3.80
C LYS D 6 -8.18 3.60 5.28
N LEU D 7 -7.01 4.12 5.64
CA LEU D 7 -6.55 4.23 7.02
C LEU D 7 -6.10 5.69 7.21
N SER D 8 -6.86 6.49 8.00
CA SER D 8 -6.66 7.95 8.10
C SER D 8 -6.28 8.40 9.50
N GLU D 9 -5.12 9.04 9.63
CA GLU D 9 -4.70 9.57 10.94
C GLU D 9 -5.63 10.75 11.38
N ILE D 10 -6.05 10.69 12.63
CA ILE D 10 -6.95 11.65 13.24
C ILE D 10 -6.19 12.62 14.11
N HIS D 11 -6.56 13.91 14.04
CA HIS D 11 -5.98 14.97 14.86
C HIS D 11 -6.24 14.67 16.36
N HIS D 12 -5.27 14.97 17.25
CA HIS D 12 -5.37 14.67 18.68
C HIS D 12 -6.52 15.42 19.41
N LEU D 13 -7.07 16.52 18.83
CA LEU D 13 -8.16 17.26 19.47
C LEU D 13 -9.50 16.86 18.87
N HIS D 14 -9.50 15.99 17.86
CA HIS D 14 -10.75 15.47 17.27
C HIS D 14 -11.54 14.71 18.35
N PRO D 15 -12.88 14.87 18.44
CA PRO D 15 -13.65 14.14 19.47
C PRO D 15 -13.46 12.63 19.42
N GLU D 16 -13.30 12.02 18.21
CA GLU D 16 -13.09 10.57 18.09
C GLU D 16 -11.74 10.19 18.67
N TYR D 17 -10.70 11.04 18.49
CA TYR D 17 -9.39 10.77 19.07
C TYR D 17 -9.48 10.77 20.59
N VAL D 18 -10.10 11.83 21.15
CA VAL D 18 -10.31 12.02 22.59
C VAL D 18 -11.02 10.82 23.16
N ARG D 19 -12.14 10.40 22.54
CA ARG D 19 -12.95 9.25 22.99
C ARG D 19 -12.09 7.97 23.05
N VAL D 20 -11.41 7.66 21.94
CA VAL D 20 -10.59 6.43 21.82
C VAL D 20 -9.44 6.50 22.82
N SER D 21 -8.69 7.61 22.84
CA SER D 21 -7.57 7.85 23.76
C SER D 21 -7.98 7.62 25.23
N GLU D 22 -9.15 8.13 25.64
CA GLU D 22 -9.66 7.99 27.00
C GLU D 22 -10.00 6.53 27.31
N HIS D 23 -10.68 5.82 26.38
CA HIS D 23 -11.00 4.40 26.56
C HIS D 23 -9.73 3.56 26.74
N PHE D 24 -8.69 3.85 25.93
CA PHE D 24 -7.38 3.17 25.98
C PHE D 24 -6.67 3.46 27.32
N LYS D 25 -6.54 4.76 27.70
CA LYS D 25 -5.83 5.21 28.89
C LYS D 25 -6.50 4.83 30.21
N ALA D 26 -7.78 4.37 30.18
CA ALA D 26 -8.49 3.96 31.40
C ALA D 26 -7.77 2.77 32.06
N SER D 27 -7.11 1.89 31.24
CA SER D 27 -6.34 0.74 31.71
C SER D 27 -4.85 0.78 31.26
N MET D 28 -4.50 1.59 30.23
CA MET D 28 -3.13 1.63 29.70
C MET D 28 -2.41 2.82 30.25
N LYS D 29 -2.06 2.72 31.52
CA LYS D 29 -1.43 3.80 32.29
C LYS D 29 0.05 4.06 31.94
N ASN D 30 0.89 3.01 31.87
CA ASN D 30 2.33 3.15 31.61
C ASN D 30 2.64 3.14 30.10
N PHE D 31 1.74 3.74 29.29
CA PHE D 31 1.84 3.75 27.84
C PHE D 31 1.51 5.12 27.27
N LYS D 32 2.17 5.47 26.15
CA LYS D 32 1.97 6.73 25.42
C LYS D 32 1.42 6.44 24.03
N ILE D 33 0.28 7.06 23.66
CA ILE D 33 -0.31 6.94 22.32
C ILE D 33 0.55 7.75 21.35
N GLU D 34 1.00 7.11 20.27
CA GLU D 34 1.79 7.73 19.23
C GLU D 34 0.85 8.25 18.14
N LYS D 35 -0.18 7.46 17.80
CA LYS D 35 -1.09 7.76 16.69
C LYS D 35 -2.39 7.04 16.85
N ILE D 36 -3.47 7.61 16.28
CA ILE D 36 -4.77 6.96 16.19
C ILE D 36 -5.23 7.12 14.72
N LYS D 37 -5.53 6.00 14.09
CA LYS D 37 -5.97 5.98 12.72
C LYS D 37 -7.37 5.42 12.62
N LYS D 38 -8.20 6.06 11.80
CA LYS D 38 -9.57 5.65 11.55
C LYS D 38 -9.57 4.67 10.37
N ILE D 39 -10.32 3.57 10.49
CA ILE D 39 -10.40 2.60 9.41
C ILE D 39 -11.65 2.88 8.59
N GLU D 40 -11.53 2.89 7.27
CA GLU D 40 -12.69 3.02 6.43
C GLU D 40 -12.75 1.83 5.45
N ASN D 41 -13.71 0.93 5.62
CA ASN D 41 -13.95 -0.19 4.74
C ASN D 41 -15.46 -0.32 4.60
N SER D 42 -16.00 0.19 3.47
CA SER D 42 -17.45 0.24 3.20
C SER D 42 -18.11 -1.15 3.19
N GLU D 43 -17.43 -2.16 2.61
CA GLU D 43 -17.89 -3.55 2.55
C GLU D 43 -18.10 -4.11 3.97
N LEU D 44 -17.12 -3.91 4.87
CA LEU D 44 -17.22 -4.38 6.24
C LEU D 44 -18.28 -3.59 7.01
N LEU D 45 -18.36 -2.28 6.75
CA LEU D 45 -19.35 -1.42 7.43
C LEU D 45 -20.78 -1.78 7.02
N ASP D 46 -21.03 -2.04 5.72
CA ASP D 46 -22.37 -2.42 5.23
C ASP D 46 -22.84 -3.76 5.84
N LYS D 47 -21.94 -4.76 5.97
CA LYS D 47 -22.24 -6.03 6.59
C LYS D 47 -22.60 -5.83 8.07
N PHE D 48 -21.81 -4.99 8.78
CA PHE D 48 -22.01 -4.66 10.19
C PHE D 48 -23.35 -3.94 10.41
N THR D 49 -23.62 -2.84 9.62
CA THR D 49 -24.85 -2.03 9.71
C THR D 49 -26.08 -2.92 9.48
N TRP D 50 -25.99 -3.87 8.53
CA TRP D 50 -27.08 -4.80 8.28
C TRP D 50 -27.29 -5.73 9.48
N LYS D 51 -26.21 -6.29 10.05
CA LYS D 51 -26.30 -7.17 11.23
C LYS D 51 -26.84 -6.39 12.45
N LYS D 52 -26.43 -5.11 12.62
CA LYS D 52 -26.86 -4.23 13.71
C LYS D 52 -28.37 -3.99 13.64
N SER D 53 -28.88 -3.87 12.40
CA SER D 53 -30.29 -3.66 12.07
C SER D 53 -31.10 -4.91 12.41
N GLN D 54 -30.60 -6.09 12.02
CA GLN D 54 -31.24 -7.38 12.30
C GLN D 54 -31.23 -7.69 13.80
N MET D 55 -30.15 -7.30 14.51
CA MET D 55 -29.97 -7.61 15.93
C MET D 55 -30.72 -6.66 16.82
N LYS D 56 -30.80 -5.37 16.42
CA LYS D 56 -31.46 -4.27 17.17
C LYS D 56 -30.69 -4.05 18.50
N GLU D 57 -29.36 -4.15 18.42
CA GLU D 57 -28.44 -3.92 19.52
C GLU D 57 -27.53 -2.76 19.16
N GLU D 58 -26.96 -2.11 20.17
CA GLU D 58 -26.00 -1.04 19.90
C GLU D 58 -24.60 -1.69 19.92
N GLY D 59 -23.64 -1.07 19.25
CA GLY D 59 -22.29 -1.60 19.24
C GLY D 59 -21.54 -1.29 20.53
N LYS D 60 -20.61 -2.16 20.91
CA LYS D 60 -19.74 -1.95 22.08
C LYS D 60 -18.31 -1.71 21.57
N LEU D 61 -17.64 -0.70 22.12
CA LEU D 61 -16.25 -0.39 21.79
C LEU D 61 -15.37 -1.35 22.57
N LEU D 62 -14.69 -2.28 21.85
CA LEU D 62 -13.82 -3.28 22.49
C LEU D 62 -12.41 -3.28 21.85
N PHE D 63 -11.43 -3.91 22.52
CA PHE D 63 -10.03 -3.93 22.12
C PHE D 63 -9.54 -5.28 21.60
N TYR D 64 -8.55 -5.19 20.71
CA TYR D 64 -7.90 -6.30 20.06
C TYR D 64 -6.44 -5.92 19.76
N ALA D 65 -5.50 -6.43 20.56
CA ALA D 65 -4.07 -6.18 20.35
C ALA D 65 -3.54 -7.24 19.36
N THR D 66 -2.63 -6.86 18.46
CA THR D 66 -2.08 -7.82 17.50
C THR D 66 -0.78 -7.26 16.96
N SER D 67 -0.16 -8.03 16.07
CA SER D 67 1.07 -7.60 15.42
CA SER D 67 1.07 -7.60 15.42
C SER D 67 0.74 -6.55 14.36
N ARG D 68 1.68 -5.59 14.15
CA ARG D 68 1.59 -4.60 13.07
C ARG D 68 1.52 -5.31 11.70
N ALA D 69 2.11 -6.56 11.60
CA ALA D 69 2.10 -7.38 10.39
C ALA D 69 0.67 -7.76 9.97
N TYR D 70 -0.28 -7.72 10.91
CA TYR D 70 -1.65 -8.13 10.59
C TYR D 70 -2.61 -6.98 10.37
N VAL D 71 -2.14 -5.71 10.47
CA VAL D 71 -3.02 -4.52 10.32
C VAL D 71 -3.77 -4.56 8.98
N GLU D 72 -3.05 -4.82 7.88
CA GLU D 72 -3.66 -4.82 6.54
C GLU D 72 -4.71 -5.95 6.40
N SER D 73 -4.41 -7.16 6.85
CA SER D 73 -5.35 -8.29 6.75
C SER D 73 -6.71 -7.95 7.49
N ILE D 74 -6.63 -7.35 8.66
CA ILE D 74 -7.80 -6.98 9.46
C ILE D 74 -8.60 -5.82 8.81
N CYS D 75 -7.92 -4.77 8.32
CA CYS D 75 -8.58 -3.64 7.72
C CYS D 75 -9.27 -4.02 6.42
N SER D 76 -8.78 -5.01 5.69
CA SER D 76 -9.48 -5.36 4.47
C SER D 76 -10.45 -6.56 4.64
N ASN D 77 -10.13 -7.54 5.49
CA ASN D 77 -10.96 -8.76 5.59
C ASN D 77 -11.65 -9.01 6.93
N ASN D 78 -11.52 -8.08 7.91
CA ASN D 78 -12.04 -8.22 9.28
C ASN D 78 -11.14 -9.16 10.08
N PHE D 79 -11.39 -9.29 11.39
CA PHE D 79 -10.60 -10.12 12.30
C PHE D 79 -10.77 -11.60 11.95
N ASP D 80 -9.72 -12.37 12.23
CA ASP D 80 -9.65 -13.77 11.86
C ASP D 80 -9.70 -14.62 13.11
N SER D 81 -10.73 -15.47 13.22
CA SER D 81 -10.88 -16.37 14.37
C SER D 81 -9.76 -17.42 14.44
N PHE D 82 -9.03 -17.64 13.31
CA PHE D 82 -7.97 -18.66 13.28
C PHE D 82 -6.65 -18.10 13.84
N LEU D 83 -6.64 -16.82 14.20
CA LEU D 83 -5.53 -16.18 14.88
C LEU D 83 -5.85 -16.20 16.37
N HIS D 84 -5.15 -17.03 17.13
CA HIS D 84 -5.46 -17.12 18.56
C HIS D 84 -4.46 -16.28 19.37
N GLU D 85 -4.74 -16.12 20.66
CA GLU D 85 -3.85 -15.35 21.52
C GLU D 85 -3.41 -16.31 22.62
N THR D 86 -2.76 -15.83 23.68
CA THR D 86 -2.27 -16.70 24.73
C THR D 86 -3.39 -17.30 25.65
N ASN D 87 -4.70 -17.01 25.41
CA ASN D 87 -5.78 -17.68 26.18
C ASN D 87 -6.09 -19.06 25.55
N GLU D 88 -5.59 -19.28 24.31
CA GLU D 88 -5.70 -20.53 23.55
C GLU D 88 -7.16 -21.06 23.44
N ASN D 89 -8.13 -20.17 23.03
CA ASN D 89 -9.55 -20.48 22.82
C ASN D 89 -10.27 -21.11 24.04
N LYS D 90 -9.83 -20.72 25.26
CA LYS D 90 -10.35 -21.16 26.58
C LYS D 90 -11.87 -20.86 26.75
N TYR D 91 -12.38 -19.79 26.09
CA TYR D 91 -13.81 -19.40 26.25
C TYR D 91 -14.62 -19.57 24.95
N GLY D 92 -14.11 -20.39 24.04
CA GLY D 92 -14.78 -20.67 22.78
C GLY D 92 -13.90 -20.42 21.58
N LYS D 93 -14.22 -21.08 20.47
CA LYS D 93 -13.43 -20.90 19.24
C LYS D 93 -14.04 -19.76 18.39
N GLY D 94 -13.68 -18.54 18.74
CA GLY D 94 -14.11 -17.32 18.08
C GLY D 94 -13.06 -16.24 18.24
N ILE D 95 -13.42 -14.98 17.91
CA ILE D 95 -12.54 -13.82 18.00
C ILE D 95 -12.67 -13.21 19.39
N TYR D 96 -11.55 -12.93 20.03
CA TYR D 96 -11.48 -12.41 21.41
C TYR D 96 -11.31 -10.90 21.43
N PHE D 97 -12.31 -10.21 22.02
CA PHE D 97 -12.32 -8.76 22.18
C PHE D 97 -12.35 -8.41 23.66
N ALA D 98 -11.39 -7.62 24.12
CA ALA D 98 -11.29 -7.28 25.54
C ALA D 98 -12.05 -5.99 25.88
N LYS D 99 -12.61 -5.94 27.09
CA LYS D 99 -13.27 -4.73 27.61
C LYS D 99 -12.21 -3.65 27.86
N ASP D 100 -11.05 -4.04 28.46
CA ASP D 100 -9.92 -3.18 28.79
C ASP D 100 -8.72 -3.45 27.85
N ALA D 101 -8.14 -2.39 27.34
CA ALA D 101 -7.00 -2.46 26.42
C ALA D 101 -5.82 -3.23 27.06
N ILE D 102 -5.58 -3.05 28.40
CA ILE D 102 -4.50 -3.73 29.14
C ILE D 102 -4.63 -5.27 29.05
N TYR D 103 -5.87 -5.80 29.05
CA TYR D 103 -6.13 -7.22 28.96
C TYR D 103 -5.68 -7.75 27.57
N SER D 104 -6.14 -7.13 26.47
CA SER D 104 -5.73 -7.54 25.11
C SER D 104 -4.20 -7.43 24.95
N HIS D 105 -3.60 -6.36 25.51
CA HIS D 105 -2.15 -6.15 25.50
C HIS D 105 -1.42 -7.27 26.23
N LYS D 106 -1.83 -7.62 27.47
CA LYS D 106 -1.11 -8.64 28.24
C LYS D 106 -1.24 -10.06 27.62
N TYR D 107 -2.37 -10.37 26.94
CA TYR D 107 -2.59 -11.70 26.35
C TYR D 107 -2.10 -11.78 24.88
N CYS D 108 -1.51 -10.69 24.38
CA CYS D 108 -0.94 -10.65 23.03
C CYS D 108 0.44 -11.30 23.05
N PRO D 109 0.68 -12.28 22.17
CA PRO D 109 1.98 -13.00 22.23
C PRO D 109 3.17 -12.34 21.54
N TYR D 110 2.96 -11.25 20.82
CA TYR D 110 4.01 -10.60 20.03
CA TYR D 110 4.01 -10.60 20.03
C TYR D 110 4.87 -9.63 20.84
N ASP D 111 6.11 -9.38 20.37
CA ASP D 111 7.05 -8.45 21.00
C ASP D 111 6.41 -7.07 21.04
N ALA D 112 6.52 -6.39 22.19
CA ALA D 112 5.92 -5.09 22.49
C ALA D 112 6.13 -4.06 21.36
N LYS D 113 7.34 -4.03 20.74
CA LYS D 113 7.67 -3.09 19.67
C LYS D 113 6.79 -3.28 18.42
N ASN D 114 6.21 -4.50 18.24
CA ASN D 114 5.39 -4.84 17.07
C ASN D 114 3.89 -4.87 17.35
N VAL D 115 3.48 -4.63 18.60
CA VAL D 115 2.08 -4.68 18.96
C VAL D 115 1.38 -3.32 18.72
N VAL D 116 0.22 -3.42 18.07
CA VAL D 116 -0.68 -2.30 17.78
C VAL D 116 -2.02 -2.68 18.47
N MET D 117 -2.88 -1.68 18.75
CA MET D 117 -4.16 -1.90 19.39
C MET D 117 -5.31 -1.53 18.47
N PHE D 118 -6.14 -2.49 18.12
CA PHE D 118 -7.36 -2.21 17.37
C PHE D 118 -8.46 -1.84 18.32
N VAL D 119 -9.34 -0.95 17.87
CA VAL D 119 -10.59 -0.61 18.52
C VAL D 119 -11.64 -1.12 17.58
N ALA D 120 -12.49 -2.01 18.06
CA ALA D 120 -13.56 -2.55 17.22
C ALA D 120 -14.95 -2.23 17.77
N GLN D 121 -15.94 -2.08 16.87
CA GLN D 121 -17.35 -1.96 17.24
C GLN D 121 -17.87 -3.35 17.20
N VAL D 122 -18.40 -3.85 18.33
CA VAL D 122 -18.80 -5.25 18.45
C VAL D 122 -20.26 -5.37 18.90
N LEU D 123 -21.03 -6.17 18.16
CA LEU D 123 -22.42 -6.47 18.49
C LEU D 123 -22.44 -7.69 19.43
N VAL D 124 -22.26 -7.46 20.75
CA VAL D 124 -22.18 -8.53 21.74
C VAL D 124 -23.58 -9.17 22.00
N GLY D 125 -24.65 -8.37 21.93
CA GLY D 125 -26.02 -8.79 22.21
C GLY D 125 -26.11 -9.49 23.55
N LYS D 126 -26.77 -10.67 23.59
CA LYS D 126 -26.90 -11.51 24.79
C LYS D 126 -25.67 -12.40 24.91
N PHE D 127 -25.00 -12.38 26.07
CA PHE D 127 -23.80 -13.19 26.29
C PHE D 127 -23.95 -14.18 27.44
N ILE D 128 -23.10 -15.22 27.40
CA ILE D 128 -23.04 -16.29 28.40
C ILE D 128 -21.61 -16.82 28.42
N GLU D 129 -21.20 -17.43 29.52
CA GLU D 129 -19.85 -18.01 29.65
C GLU D 129 -19.56 -19.03 28.54
N GLY D 130 -18.36 -18.95 27.97
CA GLY D 130 -17.95 -19.86 26.93
C GLY D 130 -16.90 -20.85 27.38
N ASN D 131 -16.70 -21.91 26.61
CA ASN D 131 -15.65 -22.91 26.84
C ASN D 131 -15.10 -23.37 25.48
N ILE D 132 -13.94 -24.03 25.47
CA ILE D 132 -13.17 -24.48 24.31
C ILE D 132 -14.03 -25.25 23.26
N THR D 133 -15.09 -25.96 23.68
CA THR D 133 -15.91 -26.78 22.76
C THR D 133 -16.86 -25.93 21.88
N TYR D 134 -17.13 -24.67 22.26
CA TYR D 134 -18.06 -23.83 21.50
C TYR D 134 -17.47 -23.30 20.21
N THR D 135 -18.18 -23.57 19.10
CA THR D 135 -17.87 -23.04 17.76
C THR D 135 -18.97 -22.00 17.41
N SER D 136 -19.94 -21.87 18.32
CA SER D 136 -21.09 -20.98 18.28
C SER D 136 -21.46 -20.61 19.69
N PRO D 137 -22.15 -19.46 19.93
CA PRO D 137 -22.68 -19.24 21.28
C PRO D 137 -23.82 -20.23 21.52
N PRO D 138 -24.15 -20.60 22.77
CA PRO D 138 -25.31 -21.50 22.97
C PRO D 138 -26.59 -20.86 22.38
N PRO D 139 -27.63 -21.66 22.00
CA PRO D 139 -28.82 -21.06 21.38
C PRO D 139 -29.40 -19.91 22.20
N GLN D 140 -29.87 -18.85 21.48
CA GLN D 140 -30.48 -17.61 22.01
C GLN D 140 -29.41 -16.62 22.51
N PHE D 141 -28.12 -16.91 22.31
CA PHE D 141 -27.04 -16.00 22.70
C PHE D 141 -26.26 -15.57 21.46
N ASP D 142 -25.67 -14.38 21.53
CA ASP D 142 -24.95 -13.76 20.41
C ASP D 142 -23.44 -13.75 20.59
N SER D 143 -22.97 -13.94 21.81
CA SER D 143 -21.54 -13.93 22.11
C SER D 143 -21.26 -14.73 23.35
N CYS D 144 -20.00 -15.06 23.60
CA CYS D 144 -19.60 -15.75 24.82
C CYS D 144 -18.65 -14.86 25.57
N VAL D 145 -18.46 -15.15 26.88
CA VAL D 145 -17.59 -14.36 27.76
C VAL D 145 -16.76 -15.30 28.65
N ASP D 146 -15.76 -14.75 29.35
CA ASP D 146 -14.98 -15.48 30.37
C ASP D 146 -15.86 -15.73 31.62
N THR D 147 -16.64 -14.69 32.03
CA THR D 147 -17.55 -14.67 33.20
C THR D 147 -18.76 -13.76 32.90
N ARG D 148 -19.99 -14.16 33.24
CA ARG D 148 -21.19 -13.34 32.98
C ARG D 148 -21.21 -12.03 33.82
N SER D 149 -20.63 -12.05 35.04
CA SER D 149 -20.52 -10.85 35.87
C SER D 149 -19.17 -10.20 35.60
N ASN D 150 -19.20 -8.93 35.21
CA ASN D 150 -18.02 -8.11 34.86
C ASN D 150 -17.10 -8.88 33.84
N PRO D 151 -17.61 -9.24 32.64
CA PRO D 151 -16.74 -9.96 31.68
C PRO D 151 -15.51 -9.15 31.32
N SER D 152 -14.38 -9.85 31.14
CA SER D 152 -13.13 -9.18 30.73
C SER D 152 -12.94 -9.34 29.22
N VAL D 153 -13.52 -10.41 28.66
CA VAL D 153 -13.36 -10.72 27.26
C VAL D 153 -14.69 -11.23 26.65
N PHE D 154 -14.92 -10.88 25.37
CA PHE D 154 -16.08 -11.27 24.57
C PHE D 154 -15.61 -12.10 23.36
N VAL D 155 -16.31 -13.21 23.10
CA VAL D 155 -15.96 -14.13 22.03
C VAL D 155 -17.05 -14.03 20.96
N ILE D 156 -16.64 -13.66 19.74
CA ILE D 156 -17.50 -13.44 18.57
C ILE D 156 -17.23 -14.52 17.55
N PHE D 157 -18.30 -15.15 17.09
CA PHE D 157 -18.28 -16.31 16.21
C PHE D 157 -18.73 -15.98 14.78
N GLN D 158 -19.02 -14.71 14.49
CA GLN D 158 -19.44 -14.22 13.16
C GLN D 158 -18.77 -12.88 12.88
N LYS D 159 -18.08 -12.76 11.73
CA LYS D 159 -17.41 -11.50 11.32
C LYS D 159 -18.36 -10.29 11.25
N ASP D 160 -19.59 -10.48 10.70
CA ASP D 160 -20.55 -9.38 10.50
C ASP D 160 -21.01 -8.70 11.81
N GLN D 161 -20.65 -9.29 13.00
CA GLN D 161 -20.93 -8.70 14.31
C GLN D 161 -19.83 -7.72 14.73
N VAL D 162 -18.80 -7.53 13.87
CA VAL D 162 -17.64 -6.69 14.17
C VAL D 162 -17.30 -5.77 13.02
N TYR D 163 -16.84 -4.59 13.38
CA TYR D 163 -16.32 -3.60 12.45
C TYR D 163 -14.99 -3.08 13.04
N PRO D 164 -13.81 -3.32 12.41
CA PRO D 164 -12.56 -2.70 12.92
C PRO D 164 -12.65 -1.18 12.66
N GLN D 165 -12.59 -0.39 13.73
CA GLN D 165 -12.85 1.03 13.63
C GLN D 165 -11.60 1.88 13.71
N TYR D 166 -10.67 1.58 14.64
CA TYR D 166 -9.45 2.34 14.82
C TYR D 166 -8.27 1.44 15.05
N VAL D 167 -7.08 1.95 14.73
CA VAL D 167 -5.79 1.36 15.02
C VAL D 167 -5.04 2.36 15.86
N ILE D 168 -4.50 1.91 16.99
CA ILE D 168 -3.71 2.74 17.90
C ILE D 168 -2.25 2.26 17.86
N GLU D 169 -1.33 3.21 17.72
CA GLU D 169 0.10 2.98 17.84
C GLU D 169 0.52 3.56 19.16
N TYR D 170 1.29 2.80 19.93
CA TYR D 170 1.69 3.20 21.27
C TYR D 170 3.01 2.56 21.69
N THR D 171 3.64 3.15 22.71
CA THR D 171 4.91 2.69 23.29
C THR D 171 4.78 2.73 24.80
N GLU D 172 5.52 1.87 25.51
CA GLU D 172 5.54 1.84 26.98
C GLU D 172 6.40 2.96 27.49
N ASP D 173 5.98 3.60 28.59
CA ASP D 173 6.75 4.64 29.27
C ASP D 173 7.98 4.00 29.93
#